data_6W5T
#
_entry.id   6W5T
#
_cell.length_a   1.00
_cell.length_b   1.00
_cell.length_c   1.00
_cell.angle_alpha   90.00
_cell.angle_beta   90.00
_cell.angle_gamma   90.00
#
_symmetry.space_group_name_H-M   'P 1'
#
loop_
_entity.id
_entity.type
_entity.pdbx_description
1 polymer 'NPC intracellular cholesterol transporter 1'
2 branched 2-acetamido-2-deoxy-beta-D-glucopyranose-(1-4)-2-acetamido-2-deoxy-beta-D-glucopyranose
3 branched alpha-D-mannopyranose-(1-3)-2-acetamido-2-deoxy-beta-D-glucopyranose-(1-4)-2-acetamido-2-deoxy-beta-D-glucopyranose
4 branched beta-D-mannopyranose-(1-4)-2-acetamido-2-deoxy-beta-D-glucopyranose-(1-4)-2-acetamido-2-deoxy-beta-D-glucopyranose
5 non-polymer 2-acetamido-2-deoxy-beta-D-glucopyranose
6 non-polymer CHOLESTEROL
#
_entity_poly.entity_id   1
_entity_poly.type   'polypeptide(L)'
_entity_poly.pdbx_seq_one_letter_code
;MTARGLALGLLLLLLCPAQVFSQSCVWYGECGIAYGDKRYNCEYSGPPKPLPKDGYDLVQELCPGFFFGNVSLCCDVRQL
QTLKDNLQLPLQFLSRCPSCFYNLLNLFCELTCSPRQSQFLNVTATEDYVDPVTNQTKTNVKELQYYVGQSFANAMYNAC
RDVEAPSSNDKALGLLCGKDADACNATNWIEYMFNKDNGQAPFTITPVFSDFPVHGMEPMNNATKGCDESVDEVTAPCSC
QDCSIVCGPKPQPPPPPAPWTILGLDAMYVIMWITYMAFLLVFFGAFFAVWCYRKRYFVSEYTPIDSNIAFSVNASDKGE
ASCCDPVSAAFEGCLRRLFTRWGSFCVRNPGCVIFFSLVFITACSSGLVFVRVTTNPVDLWSAPSSQARLEKEYFDQHFG
PFFRTEQLIIRAPLTDKHIYQPYPSGADVPFGPPLDIQILHQVLDLQIAIENITASYDNETVTLQDICLAPLSPYNTNCT
ILSVLNYFQNSHSVLDHKKGDDFFVYADYHTHFLYCVRAPASLNDTSLLHDPCLGTFGGPVFPWLVLGGYDDQNYNNATA
LVITFPVNNYYNDTEKLQRAQAWEKEFINFVKNYKNPNLTISFTAERSIEDELNRESDSDVFTVVISYAIMFLYISLALG
HMKSCRRLLVDSKVSLGIAGILIVLSSVACSLGVFSYIGLPLTLIVIEVIPFLVLAVGVDNIFILVQAYQRDERLQGETL
DQQLGRVLGEVAPSMFLSSFSETVAFFLGALSVMPAVHTFSLFAGLAVFIDFLLQITCFVSLLGLDIKRQEKNRLDIFCC
VRGAEDGTSVQASESCLFRFFKNSYSPLLLKDWMRPIVIAIFVGVLSFSIAVLNKVDIGLDQSLSMPDDSYMVDYFKSIS
QYLHAGPPVYFVLEEGHDYTSSKGQNMVCGGMGCNNDSLVQQIFNAAQLDNYTRIGFAPSSWIDDYFDWVKPQSSCCRVD
NITDQFCNASVVDPACVRCRPLTPEGKQRPQGGDFMRFLPMFLSDNPNPKCGKGGHAAYSSAVNILLGHGTRVGATYFMT
YHTVLQTSADFIDALKKARLIASNVTETMGINGSAYRVFPYSVFYVFYEQYLTIIDDTIFNLGVSLGAIFLVTMVLLGCE
LWSAVIMCATIAMVLVNMFGVMWLWGISLNAVSLVNLVMSCGISVEFCSHITRAFTVSMKGSRVERAEEALAHMGSSVFS
GITLTKFGGIVVLAFAKSQIFQIFYFRMYLAMVLLGATHGLIFLPVLLSYIGPSVNKAKSCATEERYKGTERERLLNFLE
GSDEVDAGSHHHHHHHHHHGSVEDYKDDDDK
;
_entity_poly.pdbx_strand_id   A
#
# COMPACT_ATOMS: atom_id res chain seq x y z
N GLN A 23 71.53 0.58 5.57
CA GLN A 23 70.53 1.51 6.06
C GLN A 23 70.04 1.08 7.44
N SER A 24 69.27 1.95 8.08
CA SER A 24 68.76 1.67 9.41
C SER A 24 67.85 2.82 9.82
N CYS A 25 67.15 2.64 10.93
CA CYS A 25 66.24 3.64 11.44
C CYS A 25 66.89 4.42 12.57
N VAL A 26 66.26 5.55 12.92
CA VAL A 26 66.65 6.36 14.07
C VAL A 26 65.48 6.44 15.03
N TRP A 27 65.72 7.10 16.16
CA TRP A 27 64.69 7.30 17.19
C TRP A 27 63.89 6.02 17.47
N TYR A 28 64.58 5.04 18.06
CA TYR A 28 64.00 3.79 18.51
C TYR A 28 63.66 3.83 20.00
N GLY A 29 62.48 3.31 20.33
CA GLY A 29 61.98 3.31 21.69
C GLY A 29 61.37 4.64 22.11
N GLU A 30 60.77 4.69 23.30
CA GLU A 30 60.18 5.89 23.84
C GLU A 30 60.50 5.98 25.32
N CYS A 31 61.53 6.75 25.65
CA CYS A 31 61.89 6.91 27.06
C CYS A 31 61.57 8.31 27.57
N GLY A 32 61.86 9.34 26.77
CA GLY A 32 61.51 10.68 27.19
C GLY A 32 60.03 10.96 27.35
N ILE A 33 59.72 12.18 27.75
CA ILE A 33 58.35 12.64 27.95
C ILE A 33 58.30 14.14 27.75
N ALA A 34 57.32 14.62 26.98
CA ALA A 34 57.19 16.07 26.82
C ALA A 34 56.25 16.62 27.89
N TYR A 35 55.00 16.15 27.90
CA TYR A 35 54.02 16.59 28.89
C TYR A 35 52.78 15.70 28.77
N GLY A 36 52.07 15.47 29.88
CA GLY A 36 50.97 14.54 29.87
C GLY A 36 51.45 13.15 29.55
N ASP A 37 51.16 12.64 28.35
CA ASP A 37 51.70 11.36 27.93
C ASP A 37 52.65 11.48 26.74
N LYS A 38 52.72 12.66 26.14
CA LYS A 38 53.62 12.87 25.00
C LYS A 38 55.05 12.48 25.41
N ARG A 39 55.67 11.61 24.63
CA ARG A 39 57.03 11.17 24.93
C ARG A 39 57.86 11.43 23.67
N TYR A 40 59.01 12.09 23.82
CA TYR A 40 59.82 12.26 22.63
C TYR A 40 60.41 10.90 22.34
N ASN A 41 60.33 10.43 21.10
CA ASN A 41 60.96 9.15 20.81
C ASN A 41 62.45 9.24 21.08
N CYS A 42 63.01 8.12 21.55
CA CYS A 42 64.42 8.06 21.89
C CYS A 42 65.22 7.86 20.61
N GLU A 43 66.41 8.43 20.56
CA GLU A 43 67.22 8.30 19.36
C GLU A 43 67.98 6.98 19.39
N TYR A 44 68.00 6.28 18.26
CA TYR A 44 68.78 5.05 18.10
C TYR A 44 69.02 4.81 16.62
N SER A 45 70.28 4.93 16.21
CA SER A 45 70.70 4.82 14.82
C SER A 45 71.32 3.46 14.52
N GLY A 46 70.86 2.39 15.17
CA GLY A 46 71.41 1.09 14.92
C GLY A 46 70.66 0.38 13.81
N PRO A 47 70.79 -0.94 13.72
CA PRO A 47 70.08 -1.68 12.68
C PRO A 47 68.61 -1.83 13.02
N PRO A 48 67.79 -2.24 12.06
CA PRO A 48 66.35 -2.39 12.33
C PRO A 48 66.09 -3.61 13.21
N LYS A 49 65.32 -3.44 14.27
CA LYS A 49 65.10 -4.55 15.20
C LYS A 49 64.05 -5.59 14.81
N PRO A 50 64.46 -6.87 14.72
CA PRO A 50 63.48 -7.93 14.42
C PRO A 50 62.32 -7.88 15.41
N LEU A 51 61.11 -7.89 14.86
CA LEU A 51 59.94 -7.69 15.69
C LEU A 51 59.79 -8.84 16.67
N PRO A 52 59.30 -8.60 17.89
CA PRO A 52 59.30 -9.66 18.90
C PRO A 52 58.26 -10.75 18.69
N LYS A 53 57.55 -10.75 17.55
CA LYS A 53 56.56 -11.80 17.32
C LYS A 53 55.36 -11.58 18.23
N ASP A 54 55.42 -10.51 19.02
CA ASP A 54 54.41 -10.19 20.03
C ASP A 54 53.24 -9.39 19.48
N GLY A 55 53.52 -8.34 18.71
CA GLY A 55 52.53 -7.41 18.23
C GLY A 55 52.20 -7.63 16.78
N TYR A 56 52.03 -8.89 16.43
CA TYR A 56 51.74 -9.30 15.06
C TYR A 56 50.43 -8.65 14.67
N ASP A 57 49.52 -8.53 15.64
CA ASP A 57 48.22 -7.92 15.42
C ASP A 57 48.34 -6.44 15.03
N LEU A 58 49.24 -5.72 15.69
CA LEU A 58 49.43 -4.30 15.39
C LEU A 58 49.92 -4.11 13.97
N VAL A 59 50.81 -4.98 13.50
CA VAL A 59 51.34 -4.85 12.14
C VAL A 59 50.22 -5.05 11.13
N GLN A 60 49.22 -5.84 11.50
CA GLN A 60 48.09 -6.10 10.62
C GLN A 60 47.01 -5.02 10.71
N GLU A 61 47.19 -4.07 11.64
CA GLU A 61 46.21 -3.02 11.83
C GLU A 61 46.74 -1.67 11.37
N LEU A 62 48.00 -1.38 11.65
CA LEU A 62 48.63 -0.12 11.26
C LEU A 62 48.93 -0.08 9.78
N CYS A 63 49.77 -1.00 9.29
CA CYS A 63 50.06 -1.12 7.87
C CYS A 63 50.42 -2.57 7.60
N PRO A 64 49.48 -3.38 7.11
CA PRO A 64 49.79 -4.79 6.86
C PRO A 64 50.82 -4.98 5.76
N GLY A 65 51.24 -3.89 5.15
CA GLY A 65 52.22 -3.84 4.09
C GLY A 65 53.59 -4.31 4.52
N PHE A 66 53.76 -4.51 5.81
CA PHE A 66 55.03 -4.93 6.38
C PHE A 66 55.14 -6.42 6.65
N PHE A 67 54.05 -7.18 6.65
CA PHE A 67 54.11 -8.57 7.09
C PHE A 67 54.54 -9.51 5.96
N PHE A 68 55.87 -9.66 5.80
CA PHE A 68 56.44 -10.72 4.97
C PHE A 68 57.64 -11.24 5.76
N GLY A 69 57.43 -12.26 6.58
CA GLY A 69 58.26 -12.38 7.76
C GLY A 69 59.74 -12.58 7.56
N ASN A 70 60.48 -11.47 7.64
CA ASN A 70 61.79 -11.40 8.26
C ASN A 70 61.93 -10.07 9.00
N VAL A 71 60.84 -9.67 9.66
CA VAL A 71 60.37 -8.28 9.66
C VAL A 71 61.51 -7.28 9.70
N SER A 72 62.43 -7.47 10.64
CA SER A 72 63.54 -6.53 10.87
C SER A 72 63.03 -5.10 10.94
N LEU A 73 61.92 -4.87 11.62
CA LEU A 73 61.33 -3.53 11.68
C LEU A 73 61.90 -2.74 12.85
N CYS A 74 62.24 -1.48 12.60
CA CYS A 74 62.70 -0.55 13.63
C CYS A 74 61.63 -0.21 14.67
N CYS A 75 60.48 -0.86 14.63
CA CYS A 75 59.29 -0.35 15.30
C CYS A 75 59.18 -0.94 16.72
N ASP A 76 58.32 -0.32 17.51
CA ASP A 76 58.10 -0.73 18.90
C ASP A 76 56.59 -0.73 19.15
N VAL A 77 56.13 -1.76 19.88
CA VAL A 77 54.72 -1.92 20.18
C VAL A 77 54.12 -0.78 21.00
N ARG A 78 54.92 -0.16 21.86
CA ARG A 78 54.43 1.02 22.58
C ARG A 78 54.33 2.22 21.65
N GLN A 79 55.03 2.12 20.53
CA GLN A 79 54.99 3.14 19.48
C GLN A 79 53.76 2.86 18.61
N LEU A 80 53.44 1.59 18.36
CA LEU A 80 52.30 1.21 17.57
C LEU A 80 51.04 1.64 18.33
N GLN A 81 51.02 1.37 19.64
CA GLN A 81 49.85 1.68 20.46
C GLN A 81 49.72 3.17 20.75
N THR A 82 50.82 3.92 20.67
CA THR A 82 50.66 5.37 20.84
C THR A 82 50.24 5.99 19.51
N LEU A 83 50.57 5.32 18.41
CA LEU A 83 50.01 5.73 17.14
C LEU A 83 48.52 5.53 17.20
N LYS A 84 48.10 4.32 17.61
CA LYS A 84 46.67 4.02 17.63
C LYS A 84 45.96 5.01 18.53
N ASP A 85 46.63 5.44 19.60
CA ASP A 85 46.01 6.39 20.52
C ASP A 85 45.81 7.74 19.86
N ASN A 86 46.77 8.14 19.03
CA ASN A 86 46.68 9.42 18.33
C ASN A 86 45.70 9.37 17.17
N LEU A 87 45.52 8.19 16.57
CA LEU A 87 44.61 8.01 15.45
C LEU A 87 43.14 7.97 15.83
N GLN A 88 42.77 8.31 17.06
CA GLN A 88 41.39 8.11 17.48
C GLN A 88 40.48 9.06 16.72
N LEU A 89 40.78 10.35 16.73
CA LEU A 89 39.92 11.30 16.03
C LEU A 89 40.11 11.21 14.52
N PRO A 90 41.33 11.11 13.98
CA PRO A 90 41.44 10.91 12.52
C PRO A 90 40.73 9.64 12.10
N LEU A 91 40.73 8.62 12.97
CA LEU A 91 40.01 7.40 12.66
C LEU A 91 38.52 7.69 12.61
N GLN A 92 38.04 8.48 13.57
CA GLN A 92 36.62 8.82 13.65
C GLN A 92 36.10 9.60 12.44
N PHE A 93 36.89 10.55 11.95
CA PHE A 93 36.47 11.33 10.81
C PHE A 93 36.72 10.64 9.48
N LEU A 94 37.94 10.18 9.21
CA LEU A 94 38.32 9.64 7.92
C LEU A 94 38.02 8.16 7.77
N SER A 95 37.63 7.48 8.84
CA SER A 95 37.30 6.07 8.72
C SER A 95 35.98 5.87 7.98
N ARG A 96 35.28 6.97 7.67
CA ARG A 96 34.08 6.74 6.90
C ARG A 96 34.50 6.20 5.54
N CYS A 97 35.59 6.71 4.98
CA CYS A 97 36.00 6.28 3.64
C CYS A 97 37.36 5.60 3.78
N PRO A 98 37.38 4.27 3.81
CA PRO A 98 38.61 3.55 4.09
C PRO A 98 39.75 3.90 3.15
N SER A 99 39.50 4.11 1.85
CA SER A 99 40.62 4.41 0.96
C SER A 99 41.31 5.73 1.35
N CYS A 100 40.61 6.59 2.06
CA CYS A 100 41.23 7.82 2.55
C CYS A 100 42.08 7.53 3.77
N PHE A 101 41.42 7.00 4.81
CA PHE A 101 42.18 6.75 6.04
C PHE A 101 43.34 5.79 5.78
N TYR A 102 43.26 5.05 4.66
CA TYR A 102 44.35 4.17 4.26
C TYR A 102 45.59 4.94 3.89
N ASN A 103 45.45 5.96 3.04
CA ASN A 103 46.62 6.73 2.66
C ASN A 103 47.15 7.49 3.87
N LEU A 104 46.24 8.02 4.70
CA LEU A 104 46.73 8.71 5.88
C LEU A 104 47.61 7.79 6.71
N LEU A 105 47.22 6.52 6.78
CA LEU A 105 48.03 5.59 7.53
C LEU A 105 49.34 5.36 6.83
N ASN A 106 49.30 5.31 5.51
CA ASN A 106 50.51 5.09 4.75
C ASN A 106 51.46 6.22 5.11
N LEU A 107 50.90 7.39 5.39
CA LEU A 107 51.74 8.55 5.68
C LEU A 107 52.26 8.55 7.10
N PHE A 108 51.68 7.76 7.99
CA PHE A 108 52.14 7.76 9.38
C PHE A 108 52.95 6.53 9.74
N CYS A 109 52.47 5.33 9.41
CA CYS A 109 53.22 4.12 9.73
C CYS A 109 54.64 4.19 9.16
N GLU A 110 54.78 4.54 7.89
CA GLU A 110 56.12 4.63 7.27
C GLU A 110 56.96 5.71 7.95
N LEU A 111 56.31 6.83 8.20
CA LEU A 111 56.87 8.00 8.88
C LEU A 111 57.41 7.66 10.27
N THR A 112 56.83 6.68 10.93
CA THR A 112 57.18 6.36 12.31
C THR A 112 58.18 5.21 12.34
N CYS A 113 57.82 4.07 11.78
CA CYS A 113 58.64 2.88 11.96
C CYS A 113 58.75 2.08 10.67
N SER A 114 58.81 2.76 9.53
CA SER A 114 59.12 2.07 8.29
C SER A 114 60.56 1.55 8.38
N PRO A 115 60.89 0.50 7.62
CA PRO A 115 62.24 -0.07 7.72
C PRO A 115 63.34 0.72 7.02
N ARG A 116 63.02 1.69 6.17
CA ARG A 116 64.04 2.48 5.49
C ARG A 116 63.93 3.93 5.95
N GLN A 117 63.66 4.11 7.24
CA GLN A 117 63.37 5.43 7.76
C GLN A 117 64.48 6.45 7.55
N SER A 118 65.71 6.00 7.49
CA SER A 118 66.82 6.94 7.40
C SER A 118 66.94 7.59 6.03
N GLN A 119 66.39 6.96 5.01
CA GLN A 119 66.45 7.50 3.66
C GLN A 119 65.72 8.84 3.51
N PHE A 120 64.61 9.00 4.21
CA PHE A 120 63.73 10.16 4.04
C PHE A 120 63.54 10.87 5.37
N LEU A 121 64.56 10.79 6.22
CA LEU A 121 64.51 11.39 7.55
C LEU A 121 65.92 11.75 7.97
N ASN A 122 66.03 12.80 8.78
CA ASN A 122 67.29 13.26 9.35
C ASN A 122 66.98 13.99 10.64
N VAL A 123 67.38 13.41 11.77
CA VAL A 123 67.10 14.08 13.03
C VAL A 123 67.99 15.32 13.10
N THR A 124 67.48 16.37 13.73
CA THR A 124 68.19 17.65 13.85
C THR A 124 68.51 17.98 15.30
N ALA A 125 67.49 17.98 16.15
CA ALA A 125 67.61 18.43 17.53
C ALA A 125 67.42 17.25 18.47
N THR A 126 68.38 17.06 19.37
CA THR A 126 68.32 16.01 20.37
C THR A 126 69.11 16.50 21.58
N GLU A 127 68.71 16.03 22.76
CA GLU A 127 69.34 16.40 24.02
C GLU A 127 69.27 15.22 24.97
N ASP A 128 70.15 15.21 25.96
CA ASP A 128 70.21 14.10 26.89
C ASP A 128 68.88 13.98 27.64
N TYR A 129 68.50 12.74 27.98
CA TYR A 129 67.31 12.48 28.77
C TYR A 129 67.77 11.70 29.99
N VAL A 130 67.91 12.37 31.12
CA VAL A 130 68.35 11.67 32.32
C VAL A 130 67.32 10.61 32.70
N ASP A 131 67.81 9.42 33.03
CA ASP A 131 66.95 8.34 33.47
C ASP A 131 66.89 8.32 34.99
N PRO A 132 65.71 8.48 35.57
CA PRO A 132 65.58 8.24 37.02
C PRO A 132 65.68 6.77 37.39
N VAL A 133 66.05 5.92 36.42
CA VAL A 133 66.09 4.49 36.68
C VAL A 133 67.54 4.02 36.67
N THR A 134 68.35 4.62 35.79
CA THR A 134 69.73 4.16 35.63
C THR A 134 70.74 5.29 35.57
N ASN A 135 70.31 6.55 35.66
CA ASN A 135 71.24 7.65 35.44
C ASN A 135 71.81 7.61 34.03
N GLN A 136 71.12 6.92 33.12
CA GLN A 136 71.60 6.79 31.76
C GLN A 136 70.92 7.79 30.82
N THR A 137 71.74 8.57 30.14
CA THR A 137 71.21 9.58 29.23
C THR A 137 70.70 8.93 27.94
N LYS A 138 69.41 9.12 27.69
CA LYS A 138 68.78 8.63 26.48
C LYS A 138 68.49 9.89 25.66
N THR A 139 68.91 9.91 24.39
CA THR A 139 68.73 11.10 23.58
C THR A 139 67.38 11.14 22.88
N ASN A 140 66.56 12.11 23.29
CA ASN A 140 65.24 12.32 22.72
C ASN A 140 65.32 13.03 21.37
N VAL A 141 64.31 12.82 20.55
CA VAL A 141 64.24 13.44 19.23
C VAL A 141 63.37 14.70 19.38
N LYS A 142 64.01 15.84 19.61
CA LYS A 142 63.32 17.12 19.72
C LYS A 142 62.76 17.59 18.38
N GLU A 143 63.58 17.54 17.33
CA GLU A 143 63.16 17.96 16.00
C GLU A 143 63.79 17.18 14.86
N LEU A 144 63.12 17.17 13.71
CA LEU A 144 63.58 16.50 12.51
C LEU A 144 62.68 16.93 11.36
N GLN A 145 63.10 16.58 10.14
CA GLN A 145 62.31 16.88 8.95
C GLN A 145 61.87 15.60 8.25
N TYR A 146 60.66 15.64 7.70
CA TYR A 146 60.02 14.50 7.07
C TYR A 146 59.77 14.82 5.61
N TYR A 147 60.40 14.05 4.72
CA TYR A 147 60.34 14.27 3.29
C TYR A 147 59.13 13.55 2.70
N VAL A 148 58.15 14.34 2.26
CA VAL A 148 56.90 13.84 1.67
C VAL A 148 56.82 14.28 0.22
N GLY A 149 56.45 13.37 -0.68
CA GLY A 149 56.31 13.75 -2.07
C GLY A 149 55.21 14.76 -2.27
N GLN A 150 55.29 15.57 -3.33
CA GLN A 150 54.24 16.55 -3.59
C GLN A 150 53.04 15.90 -4.25
N SER A 151 53.28 14.93 -5.14
CA SER A 151 52.18 14.19 -5.74
C SER A 151 51.51 13.33 -4.68
N PHE A 152 52.18 13.19 -3.54
CA PHE A 152 51.62 12.42 -2.44
C PHE A 152 50.78 13.31 -1.56
N ALA A 153 51.25 14.51 -1.24
CA ALA A 153 50.44 15.37 -0.41
C ALA A 153 49.21 15.80 -1.20
N ASN A 154 49.40 15.96 -2.51
CA ASN A 154 48.32 16.30 -3.45
C ASN A 154 47.28 15.18 -3.57
N ALA A 155 47.74 13.92 -3.69
CA ALA A 155 46.82 12.81 -3.77
C ALA A 155 46.14 12.54 -2.43
N MET A 156 46.79 12.93 -1.32
CA MET A 156 46.16 12.69 -0.03
C MET A 156 45.09 13.73 0.27
N TYR A 157 45.48 15.01 0.31
CA TYR A 157 44.47 16.04 0.57
C TYR A 157 43.35 16.04 -0.45
N ASN A 158 43.69 15.87 -1.73
CA ASN A 158 42.59 15.96 -2.68
C ASN A 158 41.65 14.78 -2.59
N ALA A 159 42.12 13.63 -2.10
CA ALA A 159 41.24 12.46 -1.97
C ALA A 159 40.49 12.45 -0.65
N CYS A 160 40.94 13.21 0.33
CA CYS A 160 40.26 13.24 1.62
C CYS A 160 39.48 14.53 1.85
N ARG A 161 39.65 15.52 0.99
CA ARG A 161 39.04 16.84 1.09
C ARG A 161 37.53 16.79 1.02
N ASP A 162 36.97 15.69 0.54
CA ASP A 162 35.53 15.58 0.32
C ASP A 162 34.79 14.94 1.47
N VAL A 163 35.48 14.37 2.45
CA VAL A 163 34.82 13.70 3.57
C VAL A 163 34.03 14.71 4.37
N GLU A 164 32.73 14.48 4.50
CA GLU A 164 31.87 15.35 5.27
C GLU A 164 31.96 15.01 6.76
N ALA A 165 31.65 16.00 7.59
CA ALA A 165 31.68 15.80 9.03
C ALA A 165 30.34 15.30 9.54
N PRO A 166 30.29 14.69 10.71
CA PRO A 166 29.00 14.31 11.30
C PRO A 166 28.37 15.48 12.04
N SER A 167 27.06 15.64 11.86
CA SER A 167 26.29 16.74 12.44
C SER A 167 26.51 18.05 11.71
N SER A 168 26.88 17.99 10.44
CA SER A 168 27.17 19.17 9.64
C SER A 168 27.30 18.73 8.18
N ASN A 169 27.36 19.69 7.25
CA ASN A 169 27.60 19.34 5.86
C ASN A 169 28.96 19.81 5.38
N ASP A 170 29.84 20.18 6.31
CA ASP A 170 31.19 20.61 5.98
C ASP A 170 32.03 19.42 5.55
N LYS A 171 33.32 19.71 5.36
CA LYS A 171 34.33 18.71 4.99
C LYS A 171 35.08 18.39 6.28
N ALA A 172 35.39 17.13 6.53
CA ALA A 172 36.01 16.75 7.78
C ALA A 172 37.36 17.43 7.89
N LEU A 173 37.92 17.87 6.77
CA LEU A 173 39.17 18.60 6.88
C LEU A 173 38.88 19.95 7.53
N GLY A 174 37.66 20.45 7.39
CA GLY A 174 37.34 21.68 8.09
C GLY A 174 37.54 21.50 9.58
N LEU A 175 37.36 20.27 10.06
CA LEU A 175 37.54 19.88 11.44
C LEU A 175 38.91 19.29 11.72
N LEU A 176 39.76 19.14 10.71
CA LEU A 176 41.09 18.57 10.98
C LEU A 176 42.24 19.47 10.56
N CYS A 177 41.97 20.51 9.78
CA CYS A 177 42.98 21.52 9.47
C CYS A 177 43.30 22.40 10.67
N GLY A 178 42.33 22.67 11.55
CA GLY A 178 42.55 23.75 12.50
C GLY A 178 42.05 25.12 12.09
N LYS A 179 41.14 25.19 11.14
CA LYS A 179 40.69 26.46 10.59
C LYS A 179 39.47 26.19 9.72
N ASP A 180 38.97 27.23 9.06
CA ASP A 180 37.86 27.07 8.14
C ASP A 180 38.26 26.05 7.09
N ALA A 181 37.30 25.26 6.61
CA ALA A 181 37.58 24.32 5.54
C ALA A 181 37.54 24.94 4.15
N ASP A 182 37.52 26.27 4.06
CA ASP A 182 37.46 26.85 2.72
C ASP A 182 38.85 27.17 2.21
N ALA A 183 39.83 27.41 3.09
CA ALA A 183 41.13 27.70 2.52
C ALA A 183 42.26 26.90 3.15
N CYS A 184 41.99 25.71 3.68
CA CYS A 184 43.05 24.86 4.21
C CYS A 184 43.67 24.15 3.01
N ASN A 185 44.79 24.67 2.52
CA ASN A 185 45.54 24.01 1.47
C ASN A 185 46.02 22.62 1.90
N ALA A 186 46.51 21.88 0.91
CA ALA A 186 47.05 20.54 1.14
C ALA A 186 48.46 20.54 1.71
N THR A 187 49.23 21.60 1.56
CA THR A 187 50.58 21.52 2.10
C THR A 187 50.63 21.99 3.54
N ASN A 188 49.84 23.00 3.86
CA ASN A 188 49.74 23.53 5.21
C ASN A 188 49.12 22.56 6.21
N TRP A 189 48.10 21.81 5.79
CA TRP A 189 47.39 20.92 6.69
C TRP A 189 48.28 19.81 7.20
N ILE A 190 49.12 19.26 6.33
CA ILE A 190 50.05 18.22 6.77
C ILE A 190 51.05 18.79 7.77
N GLU A 191 51.45 20.03 7.53
CA GLU A 191 52.37 20.72 8.40
C GLU A 191 51.74 20.89 9.79
N TYR A 192 50.45 21.20 9.81
CA TYR A 192 49.73 21.39 11.07
C TYR A 192 49.54 20.05 11.77
N MET A 193 49.34 19.00 10.99
CA MET A 193 49.13 17.67 11.56
C MET A 193 50.41 17.20 12.23
N PHE A 194 51.55 17.42 11.58
CA PHE A 194 52.83 17.04 12.17
C PHE A 194 53.27 18.02 13.23
N ASN A 195 52.63 19.19 13.29
CA ASN A 195 53.00 20.22 14.26
C ASN A 195 52.42 19.92 15.62
N LYS A 196 53.28 19.99 16.64
CA LYS A 196 52.86 19.81 18.04
C LYS A 196 52.06 21.00 18.55
N ASP A 197 51.93 22.05 17.73
CA ASP A 197 51.19 23.25 18.09
C ASP A 197 49.70 23.00 18.27
N ASN A 198 49.18 21.88 17.79
CA ASN A 198 47.75 21.60 17.99
C ASN A 198 47.49 21.12 19.41
N GLY A 199 48.43 20.38 19.99
CA GLY A 199 48.29 19.84 21.32
C GLY A 199 48.24 18.33 21.36
N GLN A 200 48.21 17.67 20.20
CA GLN A 200 48.18 16.22 20.09
C GLN A 200 49.54 15.65 19.75
N ALA A 201 50.25 16.23 18.79
CA ALA A 201 51.54 15.73 18.37
C ALA A 201 52.52 15.85 19.52
N PRO A 202 53.12 14.74 19.94
CA PRO A 202 54.11 14.83 21.04
C PRO A 202 55.34 15.66 20.71
N PHE A 203 55.70 15.78 19.43
CA PHE A 203 56.77 16.68 19.04
C PHE A 203 56.52 17.11 17.61
N THR A 204 56.92 18.34 17.29
CA THR A 204 56.57 18.88 15.99
C THR A 204 57.55 18.38 14.95
N ILE A 205 57.02 17.99 13.79
CA ILE A 205 57.82 17.53 12.66
C ILE A 205 57.69 18.50 11.52
N THR A 206 58.81 18.93 10.96
CA THR A 206 58.78 19.89 9.86
C THR A 206 58.75 19.10 8.57
N PRO A 207 57.62 19.03 7.88
CA PRO A 207 57.56 18.27 6.64
C PRO A 207 58.27 18.95 5.48
N VAL A 208 58.92 18.17 4.63
CA VAL A 208 59.56 18.68 3.42
C VAL A 208 58.95 17.94 2.25
N PHE A 209 58.26 18.69 1.39
CA PHE A 209 57.51 18.09 0.27
C PHE A 209 58.32 18.14 -1.02
N SER A 210 59.41 17.37 -1.04
CA SER A 210 60.24 17.30 -2.22
C SER A 210 60.05 15.95 -2.89
N ASP A 211 59.85 15.98 -4.21
CA ASP A 211 59.62 14.76 -4.98
C ASP A 211 60.90 14.13 -5.54
N PHE A 212 62.04 14.79 -5.33
CA PHE A 212 63.28 14.26 -5.85
C PHE A 212 64.31 14.16 -4.72
N PRO A 213 65.20 13.17 -4.75
CA PRO A 213 66.15 13.02 -3.65
C PRO A 213 67.04 14.25 -3.53
N VAL A 214 67.04 14.84 -2.35
CA VAL A 214 67.88 16.00 -2.05
C VAL A 214 68.71 15.70 -0.81
N HIS A 215 69.97 16.14 -0.81
CA HIS A 215 70.89 15.84 0.27
C HIS A 215 71.14 14.34 0.41
N GLY A 216 71.11 13.62 -0.70
CA GLY A 216 71.14 12.18 -0.62
C GLY A 216 69.95 11.56 0.11
N MET A 217 68.89 12.35 0.29
CA MET A 217 67.75 11.90 1.07
C MET A 217 66.53 11.94 0.17
N GLU A 218 65.97 10.78 -0.12
CA GLU A 218 64.81 10.74 -1.02
C GLU A 218 63.55 10.42 -0.23
N PRO A 219 62.50 11.22 -0.39
CA PRO A 219 61.30 11.00 0.43
C PRO A 219 60.62 9.69 0.04
N MET A 220 59.51 9.41 0.72
CA MET A 220 58.76 8.19 0.54
C MET A 220 57.68 8.42 -0.50
N ASN A 221 57.49 7.47 -1.41
CA ASN A 221 56.35 7.56 -2.31
C ASN A 221 55.81 6.16 -2.59
N ASN A 222 54.87 5.73 -1.75
CA ASN A 222 54.19 4.45 -1.95
C ASN A 222 52.98 4.63 -2.85
N ALA A 223 52.39 3.49 -3.23
CA ALA A 223 51.21 3.52 -4.08
C ALA A 223 50.15 4.34 -3.38
N THR A 224 49.30 5.02 -4.13
CA THR A 224 48.26 5.85 -3.53
C THR A 224 46.90 5.53 -4.14
N LYS A 225 45.86 5.68 -3.33
CA LYS A 225 44.51 5.41 -3.77
C LYS A 225 43.62 6.61 -3.44
N GLY A 226 42.75 6.98 -4.38
CA GLY A 226 41.84 8.09 -4.20
C GLY A 226 40.51 7.63 -3.61
N CYS A 227 39.65 8.61 -3.36
CA CYS A 227 38.36 8.31 -2.76
C CYS A 227 37.46 7.51 -3.69
N ASP A 228 37.83 7.42 -4.96
CA ASP A 228 37.08 6.64 -5.97
C ASP A 228 37.51 5.17 -6.09
N GLU A 229 38.82 4.94 -6.14
CA GLU A 229 39.34 3.59 -6.23
C GLU A 229 39.25 2.88 -4.88
N SER A 230 39.04 1.57 -4.89
CA SER A 230 38.95 0.82 -3.65
C SER A 230 40.30 0.27 -3.23
N VAL A 231 40.53 0.22 -1.93
CA VAL A 231 41.80 -0.19 -1.35
C VAL A 231 41.97 -1.70 -1.33
N ASP A 232 40.91 -2.44 -1.06
CA ASP A 232 41.02 -3.91 -0.98
C ASP A 232 39.82 -4.55 -1.70
N GLU A 233 40.01 -5.82 -2.08
CA GLU A 233 38.94 -6.51 -2.80
C GLU A 233 37.73 -6.79 -1.92
N VAL A 234 37.69 -6.23 -0.70
CA VAL A 234 36.53 -6.40 0.16
C VAL A 234 36.05 -5.08 0.75
N THR A 235 36.84 -4.02 0.66
CA THR A 235 36.47 -2.71 1.18
C THR A 235 35.89 -1.85 0.05
N ALA A 236 34.61 -1.54 0.14
CA ALA A 236 33.95 -0.76 -0.89
C ALA A 236 34.59 0.62 -1.00
N PRO A 237 34.50 1.25 -2.16
CA PRO A 237 35.07 2.60 -2.32
C PRO A 237 34.39 3.58 -1.39
N CYS A 238 34.90 4.81 -1.37
CA CYS A 238 34.36 5.83 -0.49
C CYS A 238 33.03 6.23 -1.13
N SER A 239 32.11 6.76 -0.34
CA SER A 239 30.80 7.12 -0.87
C SER A 239 30.83 8.50 -1.50
N CYS A 240 29.85 8.76 -2.38
CA CYS A 240 29.89 10.03 -3.09
C CYS A 240 29.40 11.09 -2.14
N GLN A 241 28.97 10.68 -0.97
CA GLN A 241 28.68 11.62 0.10
C GLN A 241 29.96 12.27 0.58
N ASP A 242 31.05 11.50 0.61
CA ASP A 242 32.33 11.93 1.14
C ASP A 242 33.37 12.11 0.03
N CYS A 243 32.97 11.92 -1.23
CA CYS A 243 33.84 12.13 -2.38
C CYS A 243 32.97 12.60 -3.55
N SER A 244 33.42 13.66 -4.22
CA SER A 244 32.68 14.27 -5.32
C SER A 244 32.89 13.60 -6.66
N ILE A 245 33.97 12.83 -6.83
CA ILE A 245 34.32 12.30 -8.15
C ILE A 245 33.70 10.93 -8.42
N VAL A 246 33.24 10.24 -7.39
CA VAL A 246 32.79 8.86 -7.52
C VAL A 246 31.37 8.84 -8.05
N CYS A 247 30.70 9.98 -8.00
CA CYS A 247 29.24 10.00 -8.09
C CYS A 247 28.85 10.74 -9.36
N GLY A 248 28.18 10.02 -10.28
CA GLY A 248 27.97 10.53 -11.61
C GLY A 248 26.55 10.90 -11.98
N PRO A 249 26.16 10.61 -13.23
CA PRO A 249 24.84 11.01 -13.69
C PRO A 249 23.72 10.23 -13.04
N LYS A 250 22.66 10.96 -12.69
CA LYS A 250 21.53 10.36 -12.01
C LYS A 250 20.75 9.47 -12.97
N PRO A 251 19.94 8.54 -12.47
CA PRO A 251 19.09 7.73 -13.35
C PRO A 251 17.79 8.46 -13.69
N GLN A 252 17.14 8.01 -14.76
CA GLN A 252 15.92 8.63 -15.24
C GLN A 252 15.12 7.61 -16.04
N PRO A 253 13.83 7.50 -15.75
CA PRO A 253 12.94 6.65 -16.56
C PRO A 253 12.27 7.45 -17.67
N PRO A 254 11.83 6.79 -18.73
CA PRO A 254 11.06 7.49 -19.76
C PRO A 254 9.57 7.47 -19.47
N PRO A 255 8.95 8.64 -19.34
CA PRO A 255 7.51 8.68 -19.07
C PRO A 255 6.72 8.56 -20.36
N PRO A 256 6.08 7.41 -20.61
CA PRO A 256 5.21 7.32 -21.77
C PRO A 256 3.78 7.67 -21.41
N PRO A 257 3.17 8.64 -22.09
CA PRO A 257 1.75 8.88 -21.89
C PRO A 257 0.93 7.92 -22.72
N ALA A 258 1.44 7.58 -23.91
CA ALA A 258 0.77 6.72 -24.87
C ALA A 258 -0.63 7.23 -25.21
N PRO A 259 -0.81 8.53 -25.46
CA PRO A 259 -2.07 8.97 -26.07
C PRO A 259 -1.90 9.08 -27.58
N TRP A 260 -2.93 8.68 -28.31
CA TRP A 260 -2.84 8.75 -29.77
C TRP A 260 -2.90 10.21 -30.22
N THR A 261 -3.92 10.94 -29.82
CA THR A 261 -4.04 12.36 -30.14
C THR A 261 -3.77 12.60 -31.62
N ILE A 262 -4.66 12.06 -32.45
CA ILE A 262 -4.48 12.06 -33.89
C ILE A 262 -4.13 13.46 -34.40
N LEU A 263 -5.00 14.44 -34.18
CA LEU A 263 -4.73 15.78 -34.68
C LEU A 263 -4.74 16.84 -33.60
N GLY A 264 -4.66 16.45 -32.34
CA GLY A 264 -4.61 17.48 -31.32
C GLY A 264 -5.42 17.16 -30.10
N LEU A 265 -6.47 16.36 -30.27
CA LEU A 265 -7.37 15.95 -29.21
C LEU A 265 -7.23 14.45 -28.93
N ASP A 266 -8.08 13.97 -28.02
CA ASP A 266 -7.90 12.67 -27.39
C ASP A 266 -7.75 11.52 -28.37
N ALA A 267 -8.03 11.77 -29.65
CA ALA A 267 -7.86 10.74 -30.68
C ALA A 267 -8.99 9.74 -30.55
N MET A 268 -9.78 9.88 -29.50
CA MET A 268 -11.08 9.25 -29.39
C MET A 268 -12.20 10.25 -29.53
N TYR A 269 -12.04 11.47 -29.04
CA TYR A 269 -12.93 12.55 -29.41
C TYR A 269 -13.02 12.73 -30.86
N VAL A 270 -12.02 12.35 -31.65
CA VAL A 270 -12.08 12.63 -33.07
C VAL A 270 -12.61 11.43 -33.85
N ILE A 271 -12.22 10.22 -33.48
CA ILE A 271 -12.75 9.09 -34.22
C ILE A 271 -14.27 9.04 -34.13
N MET A 272 -14.85 9.50 -33.03
CA MET A 272 -16.30 9.48 -32.90
C MET A 272 -16.92 10.67 -33.62
N TRP A 273 -16.44 11.86 -33.34
CA TRP A 273 -17.03 13.02 -33.97
C TRP A 273 -16.99 12.81 -35.48
N ILE A 274 -15.92 12.18 -35.96
CA ILE A 274 -15.80 11.91 -37.39
C ILE A 274 -16.87 10.92 -37.85
N THR A 275 -17.07 9.87 -37.05
CA THR A 275 -18.06 8.83 -37.38
C THR A 275 -19.49 9.33 -37.35
N TYR A 276 -19.80 10.16 -36.36
CA TYR A 276 -21.14 10.68 -36.19
C TYR A 276 -21.47 11.55 -37.38
N MET A 277 -20.57 12.41 -37.82
CA MET A 277 -20.91 13.22 -38.98
C MET A 277 -21.18 12.29 -40.17
N ALA A 278 -20.39 11.23 -40.27
CA ALA A 278 -20.58 10.26 -41.34
C ALA A 278 -21.94 9.61 -41.20
N PHE A 279 -22.31 9.28 -39.97
CA PHE A 279 -23.61 8.65 -39.75
C PHE A 279 -24.76 9.58 -40.12
N LEU A 280 -24.67 10.84 -39.73
CA LEU A 280 -25.73 11.79 -40.02
C LEU A 280 -25.86 12.08 -41.50
N LEU A 281 -24.75 12.01 -42.23
CA LEU A 281 -24.82 12.24 -43.67
C LEU A 281 -25.32 11.01 -44.40
N VAL A 282 -24.87 9.83 -44.03
CA VAL A 282 -25.37 8.62 -44.67
C VAL A 282 -26.81 8.31 -44.27
N PHE A 283 -27.30 8.93 -43.20
CA PHE A 283 -28.68 8.75 -42.77
C PHE A 283 -29.62 9.80 -43.35
N PHE A 284 -29.38 11.09 -43.08
CA PHE A 284 -30.22 12.10 -43.70
C PHE A 284 -29.96 12.21 -45.20
N GLY A 285 -28.96 11.50 -45.73
CA GLY A 285 -28.73 11.54 -47.15
C GLY A 285 -29.49 10.43 -47.82
N ALA A 286 -30.14 9.62 -47.02
CA ALA A 286 -31.04 8.62 -47.55
C ALA A 286 -32.47 9.09 -47.37
N PHE A 287 -32.74 9.76 -46.26
CA PHE A 287 -34.07 10.34 -46.08
C PHE A 287 -34.32 11.51 -47.02
N PHE A 288 -33.50 12.57 -46.94
CA PHE A 288 -33.60 13.68 -47.87
C PHE A 288 -33.38 13.27 -49.33
N ALA A 289 -32.79 12.10 -49.57
CA ALA A 289 -32.65 11.50 -50.88
C ALA A 289 -33.94 10.87 -51.39
N VAL A 290 -34.69 10.19 -50.52
CA VAL A 290 -35.96 9.59 -50.91
C VAL A 290 -37.08 10.61 -50.92
N TRP A 291 -37.09 11.53 -49.96
CA TRP A 291 -38.07 12.61 -49.92
C TRP A 291 -38.19 13.30 -51.27
N CYS A 292 -37.10 13.35 -52.04
CA CYS A 292 -37.21 13.83 -53.42
C CYS A 292 -37.72 12.75 -54.35
N TYR A 293 -37.59 11.47 -53.98
CA TYR A 293 -38.09 10.40 -54.84
C TYR A 293 -39.61 10.45 -54.98
N ARG A 294 -40.27 11.41 -54.35
CA ARG A 294 -41.72 11.51 -54.49
C ARG A 294 -42.12 11.94 -55.89
N LYS A 295 -41.16 12.38 -56.69
CA LYS A 295 -41.43 12.78 -58.06
C LYS A 295 -41.00 11.70 -59.04
N PRO A 326 -44.16 -25.28 -36.17
CA PRO A 326 -43.95 -26.40 -35.25
C PRO A 326 -42.69 -26.21 -34.43
N VAL A 327 -41.73 -25.46 -34.98
CA VAL A 327 -40.46 -25.18 -34.32
C VAL A 327 -40.54 -24.03 -33.32
N SER A 328 -41.49 -23.11 -33.49
CA SER A 328 -41.67 -21.99 -32.58
C SER A 328 -43.02 -21.96 -31.89
N ALA A 329 -44.10 -22.09 -32.66
CA ALA A 329 -45.47 -22.11 -32.14
C ALA A 329 -45.76 -23.28 -31.22
N ALA A 330 -44.97 -24.35 -31.29
CA ALA A 330 -45.16 -25.49 -30.40
C ALA A 330 -44.71 -25.28 -28.96
N PHE A 331 -43.73 -24.42 -28.71
CA PHE A 331 -43.27 -24.18 -27.35
C PHE A 331 -43.94 -22.96 -26.70
N GLU A 332 -44.44 -22.04 -27.53
CA GLU A 332 -45.11 -20.83 -27.05
C GLU A 332 -46.60 -21.02 -26.83
N GLY A 333 -47.12 -22.22 -27.10
CA GLY A 333 -48.54 -22.46 -26.95
C GLY A 333 -48.88 -23.33 -25.75
N CYS A 334 -47.99 -24.25 -25.40
CA CYS A 334 -48.22 -25.06 -24.21
C CYS A 334 -48.04 -24.24 -22.93
N LEU A 335 -47.18 -23.23 -22.97
CA LEU A 335 -47.01 -22.36 -21.80
C LEU A 335 -48.27 -21.56 -21.51
N ARG A 336 -48.85 -20.95 -22.53
CA ARG A 336 -50.11 -20.22 -22.33
C ARG A 336 -51.18 -21.11 -21.73
N ARG A 337 -51.31 -22.32 -22.26
CA ARG A 337 -52.36 -23.21 -21.77
C ARG A 337 -52.08 -23.65 -20.34
N LEU A 338 -50.83 -24.02 -20.07
CA LEU A 338 -50.47 -24.41 -18.71
C LEU A 338 -50.72 -23.29 -17.71
N PHE A 339 -50.30 -22.08 -18.03
CA PHE A 339 -50.46 -20.99 -17.08
C PHE A 339 -51.92 -20.62 -16.88
N THR A 340 -52.73 -20.65 -17.94
CA THR A 340 -54.15 -20.39 -17.74
C THR A 340 -54.75 -21.44 -16.81
N ARG A 341 -54.48 -22.71 -17.09
CA ARG A 341 -55.03 -23.78 -16.26
C ARG A 341 -54.57 -23.64 -14.81
N TRP A 342 -53.29 -23.33 -14.60
CA TRP A 342 -52.76 -23.22 -13.26
C TRP A 342 -53.29 -21.99 -12.54
N GLY A 343 -53.57 -20.91 -13.26
CA GLY A 343 -54.16 -19.75 -12.62
C GLY A 343 -55.58 -20.06 -12.15
N SER A 344 -56.30 -20.82 -12.98
CA SER A 344 -57.65 -21.23 -12.61
C SER A 344 -57.60 -22.14 -11.39
N PHE A 345 -56.65 -23.08 -11.38
CA PHE A 345 -56.46 -23.97 -10.25
C PHE A 345 -56.21 -23.19 -8.96
N CYS A 346 -55.30 -22.23 -9.01
CA CYS A 346 -54.97 -21.44 -7.82
C CYS A 346 -56.11 -20.52 -7.42
N VAL A 347 -56.97 -20.12 -8.35
CA VAL A 347 -58.10 -19.27 -7.99
C VAL A 347 -59.23 -20.07 -7.37
N ARG A 348 -59.32 -21.37 -7.67
CA ARG A 348 -60.38 -22.17 -7.06
C ARG A 348 -59.91 -23.05 -5.91
N ASN A 349 -58.65 -22.97 -5.52
CA ASN A 349 -58.12 -23.69 -4.36
C ASN A 349 -57.26 -22.73 -3.52
N PRO A 350 -57.81 -21.59 -3.13
CA PRO A 350 -57.01 -20.57 -2.44
C PRO A 350 -56.44 -21.02 -1.09
N GLY A 351 -57.25 -21.73 -0.32
CA GLY A 351 -56.78 -22.15 1.00
C GLY A 351 -55.52 -22.99 0.93
N CYS A 352 -55.57 -24.09 0.16
CA CYS A 352 -54.42 -24.96 0.02
C CYS A 352 -53.20 -24.21 -0.50
N VAL A 353 -53.38 -23.43 -1.57
CA VAL A 353 -52.24 -22.74 -2.19
C VAL A 353 -51.59 -21.82 -1.17
N ILE A 354 -52.37 -20.94 -0.55
CA ILE A 354 -51.79 -19.95 0.36
C ILE A 354 -51.15 -20.65 1.55
N PHE A 355 -51.77 -21.71 2.05
CA PHE A 355 -51.23 -22.42 3.21
C PHE A 355 -49.89 -23.06 2.87
N PHE A 356 -49.83 -23.79 1.74
CA PHE A 356 -48.58 -24.42 1.36
C PHE A 356 -47.51 -23.38 1.08
N SER A 357 -47.88 -22.22 0.54
CA SER A 357 -46.86 -21.22 0.27
C SER A 357 -46.31 -20.63 1.55
N LEU A 358 -47.17 -20.41 2.56
CA LEU A 358 -46.66 -19.93 3.85
C LEU A 358 -45.80 -20.99 4.52
N VAL A 359 -46.19 -22.26 4.42
CA VAL A 359 -45.39 -23.34 4.99
C VAL A 359 -44.03 -23.39 4.33
N PHE A 360 -44.00 -23.23 3.01
CA PHE A 360 -42.73 -23.18 2.30
C PHE A 360 -41.88 -22.01 2.75
N ILE A 361 -42.48 -20.82 2.86
CA ILE A 361 -41.73 -19.66 3.30
C ILE A 361 -41.08 -19.91 4.65
N THR A 362 -41.84 -20.43 5.61
CA THR A 362 -41.26 -20.66 6.93
C THR A 362 -40.22 -21.76 6.92
N ALA A 363 -40.52 -22.90 6.29
CA ALA A 363 -39.57 -24.00 6.24
C ALA A 363 -38.25 -23.59 5.61
N CYS A 364 -38.30 -22.68 4.63
CA CYS A 364 -37.09 -22.26 3.96
C CYS A 364 -36.38 -21.13 4.69
N SER A 365 -37.11 -20.18 5.28
CA SER A 365 -36.55 -19.01 5.92
C SER A 365 -36.21 -19.22 7.39
N SER A 366 -36.53 -20.38 7.96
CA SER A 366 -36.12 -20.66 9.33
C SER A 366 -34.64 -20.99 9.44
N GLY A 367 -33.97 -21.18 8.32
CA GLY A 367 -32.54 -21.40 8.37
C GLY A 367 -31.79 -20.13 8.72
N LEU A 368 -32.51 -19.02 8.87
CA LEU A 368 -31.92 -17.76 9.31
C LEU A 368 -31.43 -17.84 10.75
N VAL A 369 -31.70 -18.96 11.42
CA VAL A 369 -31.20 -19.22 12.76
C VAL A 369 -29.69 -19.45 12.77
N PHE A 370 -29.13 -19.98 11.69
CA PHE A 370 -27.70 -20.23 11.60
C PHE A 370 -26.94 -19.08 10.96
N VAL A 371 -27.45 -17.86 11.05
CA VAL A 371 -26.86 -16.73 10.34
C VAL A 371 -25.55 -16.32 11.00
N ARG A 372 -24.49 -16.23 10.17
CA ARG A 372 -23.17 -15.77 10.59
C ARG A 372 -22.84 -14.51 9.82
N VAL A 373 -22.21 -13.54 10.48
CA VAL A 373 -21.85 -12.31 9.78
C VAL A 373 -20.33 -12.14 9.72
N THR A 374 -19.86 -11.85 8.51
CA THR A 374 -18.46 -11.60 8.19
C THR A 374 -18.17 -10.11 8.24
N THR A 375 -17.23 -9.69 9.09
CA THR A 375 -16.86 -8.29 9.16
C THR A 375 -15.37 -8.09 8.91
N ASN A 376 -14.58 -9.14 8.98
CA ASN A 376 -13.15 -9.00 8.72
C ASN A 376 -12.92 -8.59 7.27
N PRO A 377 -12.30 -7.43 7.06
CA PRO A 377 -12.14 -6.92 5.69
C PRO A 377 -11.38 -7.83 4.74
N VAL A 378 -10.44 -8.63 5.25
CA VAL A 378 -9.69 -9.49 4.35
C VAL A 378 -10.60 -10.50 3.67
N ASP A 379 -11.46 -11.17 4.44
CA ASP A 379 -12.37 -12.13 3.83
C ASP A 379 -13.36 -11.44 2.90
N LEU A 380 -13.74 -10.19 3.21
CA LEU A 380 -14.70 -9.49 2.37
C LEU A 380 -14.09 -9.13 1.02
N TRP A 381 -12.94 -8.47 1.02
CA TRP A 381 -12.36 -7.84 -0.16
C TRP A 381 -11.28 -8.66 -0.83
N SER A 382 -10.95 -9.84 -0.33
CA SER A 382 -9.88 -10.66 -0.88
C SER A 382 -10.42 -12.02 -1.29
N ALA A 383 -10.07 -12.44 -2.50
CA ALA A 383 -10.46 -13.79 -2.85
C ALA A 383 -9.65 -14.79 -2.01
N PRO A 384 -10.27 -15.86 -1.56
CA PRO A 384 -9.59 -16.79 -0.66
C PRO A 384 -8.39 -17.47 -1.28
N SER A 385 -8.29 -17.43 -2.61
CA SER A 385 -7.20 -18.11 -3.29
C SER A 385 -6.52 -17.25 -4.33
N SER A 386 -6.51 -15.94 -4.14
CA SER A 386 -5.82 -15.10 -5.10
C SER A 386 -4.32 -15.22 -4.91
N GLN A 387 -3.57 -14.76 -5.90
CA GLN A 387 -2.13 -14.82 -5.80
C GLN A 387 -1.62 -14.05 -4.60
N ALA A 388 -2.12 -12.83 -4.41
CA ALA A 388 -1.68 -12.03 -3.28
C ALA A 388 -2.09 -12.66 -1.96
N ARG A 389 -3.25 -13.32 -1.93
CA ARG A 389 -3.68 -13.97 -0.70
C ARG A 389 -2.77 -15.15 -0.37
N LEU A 390 -2.38 -15.91 -1.38
CA LEU A 390 -1.44 -17.00 -1.13
C LEU A 390 -0.08 -16.48 -0.68
N GLU A 391 0.36 -15.35 -1.23
CA GLU A 391 1.62 -14.78 -0.77
C GLU A 391 1.51 -14.33 0.67
N LYS A 392 0.37 -13.77 1.05
CA LYS A 392 0.17 -13.38 2.44
C LYS A 392 0.12 -14.59 3.34
N GLU A 393 -0.46 -15.68 2.86
CA GLU A 393 -0.48 -16.91 3.64
C GLU A 393 0.93 -17.44 3.85
N TYR A 394 1.77 -17.30 2.82
CA TYR A 394 3.15 -17.78 2.94
C TYR A 394 3.96 -16.92 3.87
N PHE A 395 3.74 -15.61 3.84
CA PHE A 395 4.49 -14.68 4.69
C PHE A 395 4.08 -14.80 6.14
N ASP A 396 2.80 -14.97 6.42
CA ASP A 396 2.37 -15.08 7.82
C ASP A 396 2.86 -16.36 8.46
N GLN A 397 3.22 -17.37 7.67
CA GLN A 397 3.61 -18.64 8.26
C GLN A 397 5.08 -18.69 8.63
N HIS A 398 5.96 -18.08 7.83
CA HIS A 398 7.40 -18.16 8.07
C HIS A 398 7.94 -16.98 8.87
N PHE A 399 7.28 -15.82 8.82
CA PHE A 399 7.79 -14.65 9.50
C PHE A 399 6.80 -14.07 10.49
N GLY A 400 5.64 -14.68 10.63
CA GLY A 400 4.61 -14.15 11.48
C GLY A 400 3.95 -12.97 10.81
N PRO A 401 2.69 -12.72 11.15
CA PRO A 401 1.94 -11.68 10.43
C PRO A 401 2.54 -10.31 10.65
N PHE A 402 2.23 -9.40 9.73
CA PHE A 402 2.62 -8.01 9.83
C PHE A 402 1.92 -7.39 11.02
N PHE A 403 2.57 -6.44 11.68
CA PHE A 403 2.06 -5.92 12.93
C PHE A 403 0.93 -4.92 12.72
N ARG A 404 0.33 -4.48 13.82
CA ARG A 404 -0.75 -3.51 13.78
C ARG A 404 -0.24 -2.15 14.22
N THR A 405 -0.54 -1.12 13.43
CA THR A 405 0.02 0.20 13.63
C THR A 405 -1.06 1.17 14.09
N GLU A 406 -0.76 1.93 15.13
CA GLU A 406 -1.60 2.99 15.65
C GLU A 406 -0.82 4.29 15.58
N GLN A 407 -1.07 5.04 14.51
CA GLN A 407 -0.42 6.32 14.23
C GLN A 407 -1.02 7.50 14.99
N LEU A 408 -0.32 8.63 14.95
CA LEU A 408 -0.78 9.85 15.58
C LEU A 408 -0.04 10.98 14.89
N ILE A 409 -0.77 11.79 14.14
CA ILE A 409 -0.18 12.88 13.38
C ILE A 409 -0.44 14.17 14.14
N ILE A 410 0.48 14.55 15.01
CA ILE A 410 0.34 15.75 15.82
C ILE A 410 0.79 16.99 15.07
N ARG A 411 0.18 18.12 15.37
CA ARG A 411 0.54 19.38 14.73
C ARG A 411 0.28 20.51 15.71
N ALA A 412 1.15 21.52 15.70
CA ALA A 412 1.01 22.70 16.54
C ALA A 412 0.61 23.94 15.76
N PRO A 413 -0.66 24.29 15.73
CA PRO A 413 -1.07 25.44 14.92
C PRO A 413 -0.76 26.78 15.58
N LEU A 414 -0.81 26.79 16.90
CA LEU A 414 -0.63 28.01 17.70
C LEU A 414 0.82 28.45 17.86
N THR A 415 1.73 27.99 17.01
CA THR A 415 3.13 28.35 17.19
C THR A 415 3.79 28.67 15.87
N ASP A 416 4.84 29.49 15.92
CA ASP A 416 5.61 29.89 14.76
C ASP A 416 6.99 29.26 14.80
N LYS A 417 7.62 29.18 13.63
CA LYS A 417 8.95 28.61 13.51
C LYS A 417 9.98 29.53 14.14
N HIS A 418 11.04 28.94 14.69
CA HIS A 418 12.07 29.72 15.35
C HIS A 418 13.43 29.30 14.81
N ILE A 419 14.44 30.11 15.08
CA ILE A 419 15.78 29.96 14.52
C ILE A 419 16.75 29.45 15.58
N TYR A 420 17.68 28.61 15.14
CA TYR A 420 18.74 28.07 15.99
C TYR A 420 20.06 28.62 15.49
N GLN A 421 20.81 29.26 16.38
CA GLN A 421 22.10 29.80 15.98
C GLN A 421 23.24 29.10 16.70
N PRO A 422 24.10 28.39 15.98
CA PRO A 422 25.28 27.77 16.61
C PRO A 422 26.20 28.82 17.22
N TYR A 423 26.77 28.48 18.38
CA TYR A 423 27.62 29.45 19.07
C TYR A 423 28.89 29.67 18.27
N PRO A 424 29.72 28.64 18.10
CA PRO A 424 31.00 28.85 17.42
C PRO A 424 30.84 29.46 16.04
N SER A 425 30.07 28.82 15.15
CA SER A 425 29.81 29.37 13.83
C SER A 425 28.86 28.48 13.05
N GLY A 426 28.26 29.00 11.99
CA GLY A 426 27.35 28.22 11.20
C GLY A 426 26.12 29.02 10.78
N ALA A 427 25.56 28.64 9.63
CA ALA A 427 24.38 29.31 9.12
C ALA A 427 23.17 29.04 10.01
N ASP A 428 22.21 29.97 9.96
CA ASP A 428 21.00 29.85 10.74
C ASP A 428 20.19 28.63 10.28
N VAL A 429 19.53 27.98 11.23
CA VAL A 429 18.76 26.78 10.95
C VAL A 429 17.34 26.98 11.49
N PRO A 430 16.35 27.11 10.63
CA PRO A 430 14.98 27.31 11.10
C PRO A 430 14.30 25.98 11.44
N PHE A 431 13.49 26.03 12.50
CA PHE A 431 12.78 24.85 12.96
C PHE A 431 11.28 25.06 12.81
N GLY A 432 10.59 24.03 12.35
CA GLY A 432 9.15 24.07 12.19
C GLY A 432 8.45 24.38 13.49
N PRO A 433 7.14 24.58 13.44
CA PRO A 433 6.39 24.88 14.65
C PRO A 433 6.42 23.72 15.62
N PRO A 434 6.15 22.48 15.17
CA PRO A 434 6.06 21.36 16.11
C PRO A 434 7.38 21.00 16.78
N LEU A 435 8.52 21.47 16.27
CA LEU A 435 9.79 21.14 16.90
C LEU A 435 10.14 22.14 17.98
N ASP A 436 9.12 22.82 18.52
CA ASP A 436 9.33 23.76 19.61
C ASP A 436 9.54 22.97 20.91
N ILE A 437 10.26 23.53 21.86
CA ILE A 437 10.53 22.84 23.11
C ILE A 437 9.25 22.65 23.91
N GLN A 438 8.40 23.68 23.94
CA GLN A 438 7.16 23.56 24.70
C GLN A 438 6.26 22.51 24.08
N ILE A 439 6.15 22.53 22.75
CA ILE A 439 5.30 21.55 22.08
C ILE A 439 5.89 20.15 22.25
N LEU A 440 7.21 20.06 22.30
CA LEU A 440 7.82 18.75 22.53
C LEU A 440 7.53 18.23 23.93
N HIS A 441 7.53 19.11 24.93
CA HIS A 441 7.16 18.69 26.26
C HIS A 441 5.71 18.22 26.30
N GLN A 442 4.83 18.95 25.62
CA GLN A 442 3.43 18.55 25.66
C GLN A 442 3.21 17.24 24.92
N VAL A 443 3.91 17.02 23.81
CA VAL A 443 3.79 15.76 23.11
C VAL A 443 4.38 14.60 23.90
N LEU A 444 5.48 14.84 24.61
CA LEU A 444 6.03 13.79 25.45
C LEU A 444 5.05 13.43 26.55
N ASP A 445 4.36 14.43 27.11
CA ASP A 445 3.37 14.15 28.13
C ASP A 445 2.23 13.33 27.56
N LEU A 446 1.78 13.67 26.35
CA LEU A 446 0.73 12.91 25.71
C LEU A 446 1.16 11.46 25.47
N GLN A 447 2.41 11.27 25.06
CA GLN A 447 2.87 9.91 24.77
C GLN A 447 3.00 9.08 26.04
N ILE A 448 3.63 9.66 27.07
CA ILE A 448 3.76 8.95 28.35
C ILE A 448 2.39 8.62 28.93
N ALA A 449 1.39 9.48 28.69
CA ALA A 449 0.05 9.15 29.15
C ALA A 449 -0.57 8.04 28.31
N ILE A 450 -0.33 8.06 27.01
CA ILE A 450 -0.81 7.00 26.13
C ILE A 450 -0.22 5.66 26.54
N GLU A 451 0.93 5.68 27.20
CA GLU A 451 1.50 4.41 27.65
C GLU A 451 0.82 3.83 28.88
N ASN A 452 0.29 4.66 29.78
CA ASN A 452 -0.49 4.15 30.91
C ASN A 452 -1.57 3.17 30.50
N ILE A 453 -2.36 3.51 29.49
CA ILE A 453 -3.65 2.86 29.26
C ILE A 453 -3.59 1.35 29.45
N THR A 454 -4.52 0.84 30.24
CA THR A 454 -4.59 -0.56 30.64
C THR A 454 -5.75 -1.31 30.01
N ALA A 455 -6.94 -0.71 29.99
CA ALA A 455 -8.06 -1.26 29.23
C ALA A 455 -8.34 -2.71 29.64
N SER A 456 -8.73 -2.89 30.90
CA SER A 456 -9.02 -4.21 31.43
C SER A 456 -9.96 -4.99 30.51
N TYR A 457 -9.69 -6.29 30.36
CA TYR A 457 -10.45 -7.18 29.51
C TYR A 457 -10.48 -8.59 30.07
N ASP A 458 -11.67 -9.18 30.06
CA ASP A 458 -11.84 -10.58 30.48
C ASP A 458 -11.41 -10.78 31.92
N ASN A 459 -11.60 -9.75 32.75
CA ASN A 459 -11.27 -9.78 34.16
C ASN A 459 -9.77 -9.69 34.38
N GLU A 460 -8.99 -9.29 33.39
CA GLU A 460 -7.55 -9.14 33.52
C GLU A 460 -7.11 -7.85 32.83
N THR A 461 -6.01 -7.28 33.32
CA THR A 461 -5.51 -6.04 32.74
C THR A 461 -4.62 -6.34 31.54
N VAL A 462 -4.62 -5.41 30.60
CA VAL A 462 -3.91 -5.56 29.32
C VAL A 462 -3.12 -4.29 29.07
N THR A 463 -1.86 -4.26 29.49
CA THR A 463 -1.04 -3.07 29.35
C THR A 463 -0.32 -3.08 28.01
N LEU A 464 -0.01 -1.88 27.51
CA LEU A 464 0.80 -1.75 26.31
C LEU A 464 2.08 -2.56 26.43
N GLN A 465 2.81 -2.41 27.53
CA GLN A 465 4.00 -3.21 27.74
C GLN A 465 3.71 -4.69 27.48
N ASP A 466 2.44 -5.05 27.58
CA ASP A 466 2.05 -6.44 27.39
C ASP A 466 1.67 -6.75 25.95
N ILE A 467 1.05 -5.82 25.23
CA ILE A 467 0.56 -6.10 23.89
C ILE A 467 1.53 -5.65 22.80
N CYS A 468 2.26 -4.56 23.00
CA CYS A 468 3.18 -4.06 21.99
C CYS A 468 4.29 -5.05 21.74
N LEU A 469 5.14 -4.79 20.73
CA LEU A 469 6.18 -5.74 20.36
C LEU A 469 7.55 -5.16 20.72
N ALA A 470 8.38 -5.99 21.35
CA ALA A 470 9.73 -5.62 21.66
C ALA A 470 10.67 -6.53 20.88
N PRO A 471 11.44 -6.01 19.94
CA PRO A 471 12.23 -6.88 19.07
C PRO A 471 13.24 -7.70 19.84
N LEU A 472 14.08 -7.04 20.62
CA LEU A 472 15.14 -7.71 21.37
C LEU A 472 14.71 -7.92 22.83
N SER A 473 14.01 -9.02 23.03
CA SER A 473 13.49 -9.43 24.32
C SER A 473 13.87 -10.87 24.58
N PRO A 474 13.95 -11.29 25.85
CA PRO A 474 13.63 -10.49 27.04
C PRO A 474 14.80 -9.69 27.59
N TYR A 475 15.87 -9.53 26.82
CA TYR A 475 16.97 -8.68 27.27
C TYR A 475 16.48 -7.27 27.53
N ASN A 476 15.97 -6.59 26.50
CA ASN A 476 15.35 -5.29 26.66
C ASN A 476 13.89 -5.48 26.29
N THR A 477 12.97 -4.99 27.12
CA THR A 477 11.57 -5.32 26.92
C THR A 477 10.68 -4.08 26.81
N ASN A 478 11.25 -2.89 26.58
CA ASN A 478 10.38 -1.73 26.74
C ASN A 478 9.23 -1.77 25.74
N CYS A 479 9.44 -1.28 24.53
CA CYS A 479 8.91 -1.86 23.29
C CYS A 479 9.00 -0.83 22.18
N THR A 480 8.69 -1.21 20.95
CA THR A 480 8.88 -0.29 19.84
C THR A 480 7.85 0.83 19.88
N ILE A 481 8.32 2.04 20.14
CA ILE A 481 7.54 3.26 19.95
C ILE A 481 8.29 4.21 19.04
N LEU A 482 7.69 4.58 17.91
CA LEU A 482 8.41 5.37 16.92
C LEU A 482 8.01 6.84 16.99
N SER A 483 8.65 7.59 17.89
CA SER A 483 8.37 9.01 18.04
C SER A 483 9.66 9.82 18.09
N VAL A 484 9.61 11.09 17.68
CA VAL A 484 10.81 11.91 17.69
C VAL A 484 11.29 12.16 19.11
N LEU A 485 10.49 11.79 20.10
CA LEU A 485 10.96 11.89 21.46
C LEU A 485 11.90 10.75 21.82
N ASN A 486 11.99 9.72 20.98
CA ASN A 486 12.93 8.65 21.25
C ASN A 486 14.36 9.09 21.05
N TYR A 487 14.59 10.10 20.22
CA TYR A 487 15.93 10.66 20.17
C TYR A 487 16.37 11.13 21.55
N PHE A 488 15.44 11.57 22.39
CA PHE A 488 15.77 11.93 23.75
C PHE A 488 15.32 10.91 24.77
N GLN A 489 14.73 9.81 24.33
CA GLN A 489 14.42 8.70 25.22
C GLN A 489 13.30 9.07 26.17
N ASN A 490 12.32 9.82 25.68
CA ASN A 490 11.13 10.14 26.44
C ASN A 490 11.45 10.66 27.83
N SER A 491 12.45 11.53 27.95
CA SER A 491 12.82 12.04 29.25
C SER A 491 12.89 13.56 29.29
N HIS A 492 12.05 14.17 30.12
CA HIS A 492 12.07 15.62 30.25
C HIS A 492 13.46 16.11 30.62
N SER A 493 14.16 15.33 31.45
CA SER A 493 15.54 15.66 31.86
C SER A 493 16.54 15.63 30.70
N VAL A 494 16.47 14.59 29.88
CA VAL A 494 17.29 14.47 28.68
C VAL A 494 16.89 15.51 27.65
N LEU A 495 15.62 15.90 27.64
CA LEU A 495 15.15 16.90 26.69
C LEU A 495 15.58 18.30 27.11
N ASP A 496 15.73 18.55 28.41
CA ASP A 496 16.03 19.90 28.86
C ASP A 496 17.49 20.11 29.24
N HIS A 497 18.19 19.06 29.65
CA HIS A 497 19.58 19.20 30.07
C HIS A 497 20.38 19.91 28.98
N LYS A 498 21.06 20.98 29.38
CA LYS A 498 21.87 21.81 28.49
C LYS A 498 23.33 21.75 28.90
N LYS A 499 24.23 21.88 27.94
CA LYS A 499 25.67 21.74 28.21
C LYS A 499 26.44 23.03 27.94
N GLY A 500 25.92 24.16 28.41
CA GLY A 500 26.56 25.44 28.23
C GLY A 500 26.64 26.24 29.53
N ASP A 501 27.26 27.42 29.40
CA ASP A 501 27.42 28.35 30.52
C ASP A 501 26.82 29.68 30.12
N ASP A 502 26.53 30.56 31.07
CA ASP A 502 25.72 31.73 30.74
C ASP A 502 26.29 32.46 29.53
N PHE A 503 25.46 33.26 28.88
CA PHE A 503 25.79 34.04 27.69
C PHE A 503 25.85 33.23 26.41
N PHE A 504 25.76 31.90 26.46
CA PHE A 504 25.75 31.00 25.30
C PHE A 504 25.57 29.58 25.79
N VAL A 505 24.94 28.74 24.98
CA VAL A 505 24.86 27.31 25.24
C VAL A 505 25.73 26.58 24.24
N TYR A 506 26.62 25.70 24.72
CA TYR A 506 27.44 24.92 23.81
C TYR A 506 26.60 23.98 22.95
N ALA A 507 25.90 23.06 23.59
CA ALA A 507 25.02 22.12 22.93
C ALA A 507 23.60 22.32 23.42
N ASP A 508 22.63 21.89 22.61
CA ASP A 508 21.21 22.01 22.92
C ASP A 508 20.48 20.84 22.29
N TYR A 509 19.20 20.67 22.60
CA TYR A 509 18.42 19.64 21.93
C TYR A 509 18.32 19.90 20.45
N HIS A 510 18.48 21.15 20.02
CA HIS A 510 18.60 21.41 18.60
C HIS A 510 19.81 20.66 18.05
N THR A 511 20.92 20.73 18.76
CA THR A 511 22.14 20.07 18.31
C THR A 511 21.98 18.56 18.30
N HIS A 512 21.35 18.00 19.34
CA HIS A 512 21.17 16.55 19.38
C HIS A 512 20.26 16.08 18.25
N PHE A 513 19.17 16.80 18.01
CA PHE A 513 18.27 16.45 16.93
C PHE A 513 19.00 16.48 15.60
N LEU A 514 19.75 17.54 15.37
CA LEU A 514 20.48 17.64 14.12
C LEU A 514 21.49 16.54 13.97
N TYR A 515 22.15 16.14 15.06
CA TYR A 515 23.17 15.11 14.90
C TYR A 515 22.55 13.74 14.60
N CYS A 516 21.43 13.38 15.24
CA CYS A 516 20.97 12.00 15.03
C CYS A 516 19.95 11.88 13.91
N VAL A 517 19.38 12.98 13.42
CA VAL A 517 18.60 12.83 12.21
C VAL A 517 19.54 12.59 11.05
N ARG A 518 20.78 13.06 11.20
CA ARG A 518 21.83 12.76 10.25
C ARG A 518 22.32 11.33 10.41
N ALA A 519 22.47 10.86 11.66
CA ALA A 519 23.00 9.52 11.93
C ALA A 519 22.17 8.86 13.03
N PRO A 520 20.97 8.35 12.69
CA PRO A 520 20.06 7.83 13.72
C PRO A 520 20.46 6.50 14.35
N ALA A 521 21.62 5.96 14.02
CA ALA A 521 22.01 4.66 14.54
C ALA A 521 23.23 4.74 15.45
N SER A 522 23.58 5.93 15.93
CA SER A 522 24.71 6.12 16.82
C SER A 522 24.35 5.64 18.22
N LEU A 523 25.37 5.33 19.01
CA LEU A 523 25.23 4.95 20.40
C LEU A 523 25.79 5.99 21.34
N ASN A 524 26.29 7.11 20.81
CA ASN A 524 26.62 8.29 21.60
C ASN A 524 26.74 9.49 20.67
N ASP A 525 26.41 10.66 21.21
CA ASP A 525 26.54 11.90 20.44
C ASP A 525 28.00 12.15 20.08
N THR A 526 28.93 11.68 20.92
CA THR A 526 30.35 11.70 20.63
C THR A 526 30.86 13.08 20.23
N SER A 527 30.04 14.10 20.50
CA SER A 527 30.36 15.50 20.19
C SER A 527 29.98 16.52 21.29
N LEU A 528 30.72 16.58 22.39
CA LEU A 528 30.45 17.52 23.46
C LEU A 528 29.21 17.12 24.26
N LEU A 529 28.54 16.07 23.86
CA LEU A 529 27.41 15.58 24.65
C LEU A 529 27.58 14.14 25.08
N HIS A 530 27.95 13.26 24.16
CA HIS A 530 28.22 11.85 24.46
C HIS A 530 26.97 11.19 25.04
N ASP A 531 25.87 11.31 24.32
CA ASP A 531 24.62 10.68 24.68
C ASP A 531 24.07 9.95 23.46
N PRO A 532 23.59 8.72 23.58
CA PRO A 532 22.96 8.09 22.42
C PRO A 532 21.54 8.58 22.23
N CYS A 533 21.08 8.39 21.00
CA CYS A 533 19.71 8.64 20.57
C CYS A 533 19.25 7.49 19.69
N LEU A 534 19.46 6.28 20.21
CA LEU A 534 19.11 5.00 19.60
C LEU A 534 17.69 4.59 19.91
N GLY A 535 17.15 5.02 21.04
CA GLY A 535 15.80 4.70 21.44
C GLY A 535 15.70 3.67 22.54
N THR A 536 14.70 3.86 23.39
CA THR A 536 14.55 3.01 24.56
C THR A 536 14.39 1.55 24.17
N PHE A 537 13.81 1.28 23.00
CA PHE A 537 13.65 -0.11 22.62
C PHE A 537 14.93 -0.69 22.05
N GLY A 538 15.83 0.13 21.53
CA GLY A 538 17.06 -0.37 20.99
C GLY A 538 16.90 -0.55 19.50
N GLY A 539 17.48 0.35 18.71
CA GLY A 539 17.32 0.32 17.28
C GLY A 539 16.96 1.68 16.77
N PRO A 540 17.42 2.03 15.57
CA PRO A 540 17.31 3.41 15.12
C PRO A 540 15.86 3.84 14.90
N VAL A 541 15.68 5.15 14.91
CA VAL A 541 14.40 5.77 14.61
C VAL A 541 14.66 6.68 13.40
N PHE A 542 14.10 6.32 12.26
CA PHE A 542 14.46 7.04 11.05
C PHE A 542 13.66 8.34 10.98
N PRO A 543 14.31 9.46 10.68
CA PRO A 543 13.63 10.75 10.75
C PRO A 543 12.43 10.90 9.84
N TRP A 544 12.33 10.11 8.78
CA TRP A 544 11.18 10.22 7.90
C TRP A 544 9.96 9.48 8.42
N LEU A 545 10.14 8.66 9.44
CA LEU A 545 9.03 7.95 10.06
C LEU A 545 8.43 8.71 11.23
N VAL A 546 9.10 9.74 11.73
CA VAL A 546 8.69 10.40 12.96
C VAL A 546 8.40 11.87 12.70
N LEU A 547 8.49 12.30 11.44
CA LEU A 547 8.26 13.69 11.12
C LEU A 547 7.50 13.80 9.80
N GLY A 548 6.91 14.96 9.57
CA GLY A 548 6.20 15.22 8.33
C GLY A 548 6.09 16.70 8.09
N GLY A 549 6.01 17.10 6.84
CA GLY A 549 5.83 18.50 6.50
C GLY A 549 7.11 19.25 6.20
N TYR A 550 8.24 18.55 6.09
CA TYR A 550 9.52 19.18 5.80
C TYR A 550 9.75 19.09 4.30
N ASP A 551 10.93 19.53 3.82
CA ASP A 551 11.14 19.61 2.39
C ASP A 551 12.40 18.89 1.93
N ASP A 552 12.30 17.57 1.75
CA ASP A 552 13.18 16.72 0.96
C ASP A 552 14.53 16.39 1.57
N GLN A 553 15.03 17.19 2.51
CA GLN A 553 16.04 16.70 3.44
C GLN A 553 15.97 17.43 4.77
N ASN A 554 15.12 18.44 4.85
CA ASN A 554 15.23 19.41 5.94
C ASN A 554 14.27 19.01 7.07
N TYR A 555 14.71 18.03 7.84
CA TYR A 555 13.96 17.64 9.01
C TYR A 555 13.88 18.80 9.99
N ASN A 556 14.68 19.83 9.75
CA ASN A 556 14.55 21.08 10.49
C ASN A 556 13.17 21.68 10.23
N ASN A 557 12.70 21.55 8.99
CA ASN A 557 11.48 22.18 8.51
C ASN A 557 10.23 21.38 8.83
N ALA A 558 10.33 20.26 9.54
CA ALA A 558 9.14 19.45 9.81
C ALA A 558 8.01 20.28 10.39
N THR A 559 6.81 20.08 9.84
CA THR A 559 5.63 20.80 10.30
C THR A 559 4.69 19.91 11.09
N ALA A 560 4.84 18.59 10.97
CA ALA A 560 3.99 17.65 11.68
C ALA A 560 4.84 16.62 12.41
N LEU A 561 4.28 15.99 13.42
CA LEU A 561 4.94 14.93 14.17
C LEU A 561 4.16 13.63 14.06
N VAL A 562 4.83 12.56 13.65
CA VAL A 562 4.21 11.27 13.54
C VAL A 562 4.63 10.39 14.72
N ILE A 563 3.67 9.67 15.29
CA ILE A 563 3.92 8.84 16.46
C ILE A 563 3.27 7.49 16.24
N THR A 564 4.07 6.45 16.08
CA THR A 564 3.55 5.12 15.81
C THR A 564 3.70 4.23 17.03
N PHE A 565 2.72 3.34 17.22
CA PHE A 565 2.74 2.39 18.31
C PHE A 565 2.57 0.98 17.75
N PRO A 566 3.62 0.37 17.26
CA PRO A 566 3.52 -0.98 16.72
C PRO A 566 3.04 -2.02 17.72
N VAL A 567 2.10 -2.88 17.33
CA VAL A 567 1.57 -3.90 18.22
C VAL A 567 1.63 -5.25 17.53
N ASN A 568 1.96 -6.32 18.26
CA ASN A 568 2.08 -7.63 17.65
C ASN A 568 0.75 -8.08 17.05
N ASN A 569 0.79 -8.69 15.87
CA ASN A 569 -0.40 -9.32 15.31
C ASN A 569 -0.19 -10.82 15.25
N TYR A 570 -1.22 -11.57 15.62
CA TYR A 570 -1.10 -12.98 15.92
C TYR A 570 -1.78 -13.84 14.86
N TYR A 571 -1.14 -14.96 14.56
CA TYR A 571 -1.51 -15.86 13.48
C TYR A 571 -2.16 -17.11 14.06
N ASN A 572 -3.47 -17.24 13.87
CA ASN A 572 -4.23 -18.31 14.49
C ASN A 572 -4.18 -18.26 16.00
N ASP A 573 -4.74 -17.19 16.56
CA ASP A 573 -4.88 -16.93 17.98
C ASP A 573 -5.91 -15.83 18.20
N THR A 574 -6.85 -16.05 19.10
CA THR A 574 -7.97 -15.14 19.26
C THR A 574 -7.99 -14.41 20.59
N GLU A 575 -7.45 -15.02 21.64
CA GLU A 575 -7.37 -14.32 22.92
C GLU A 575 -6.46 -13.12 22.82
N LYS A 576 -5.34 -13.27 22.10
CA LYS A 576 -4.43 -12.15 21.93
C LYS A 576 -5.03 -11.08 21.05
N LEU A 577 -5.75 -11.46 20.00
CA LEU A 577 -6.37 -10.45 19.16
C LEU A 577 -7.46 -9.70 19.92
N GLN A 578 -8.20 -10.43 20.74
CA GLN A 578 -9.25 -9.82 21.56
C GLN A 578 -8.58 -8.84 22.53
N ARG A 579 -7.43 -9.24 23.07
CA ARG A 579 -6.67 -8.41 24.00
C ARG A 579 -6.14 -7.13 23.36
N ALA A 580 -5.62 -7.23 22.14
CA ALA A 580 -5.12 -6.07 21.41
C ALA A 580 -6.26 -5.15 21.04
N GLN A 581 -7.37 -5.69 20.58
CA GLN A 581 -8.49 -4.86 20.19
C GLN A 581 -9.13 -4.18 21.40
N ALA A 582 -9.15 -4.87 22.54
CA ALA A 582 -9.66 -4.26 23.75
C ALA A 582 -8.78 -3.11 24.20
N TRP A 583 -7.47 -3.22 23.99
CA TRP A 583 -6.61 -2.08 24.30
C TRP A 583 -6.81 -0.95 23.30
N GLU A 584 -7.00 -1.31 22.04
CA GLU A 584 -7.14 -0.28 21.02
C GLU A 584 -8.41 0.52 21.20
N LYS A 585 -9.48 -0.12 21.66
CA LYS A 585 -10.71 0.63 21.92
C LYS A 585 -10.48 1.75 22.92
N GLU A 586 -9.82 1.45 24.03
CA GLU A 586 -9.56 2.48 25.03
C GLU A 586 -8.56 3.50 24.53
N PHE A 587 -7.57 3.08 23.73
CA PHE A 587 -6.66 4.05 23.12
C PHE A 587 -7.43 5.04 22.26
N ILE A 588 -8.35 4.54 21.45
CA ILE A 588 -9.14 5.40 20.58
C ILE A 588 -9.97 6.37 21.40
N ASN A 589 -10.68 5.86 22.41
CA ASN A 589 -11.51 6.76 23.21
C ASN A 589 -10.66 7.84 23.88
N PHE A 590 -9.54 7.46 24.48
CA PHE A 590 -8.66 8.45 25.09
C PHE A 590 -8.25 9.51 24.10
N VAL A 591 -7.69 9.09 22.95
CA VAL A 591 -7.19 10.07 22.00
C VAL A 591 -8.33 10.95 21.49
N LYS A 592 -9.54 10.39 21.40
CA LYS A 592 -10.68 11.16 20.94
C LYS A 592 -11.14 12.20 21.95
N ASN A 593 -10.99 11.94 23.24
CA ASN A 593 -11.45 12.88 24.25
C ASN A 593 -10.36 13.77 24.82
N TYR A 594 -9.12 13.60 24.41
CA TYR A 594 -8.03 14.46 24.87
C TYR A 594 -8.14 15.84 24.25
N LYS A 595 -8.18 16.87 25.08
CA LYS A 595 -8.52 18.22 24.61
C LYS A 595 -7.30 19.00 24.12
N ASN A 596 -6.39 19.34 25.03
CA ASN A 596 -5.13 19.99 24.70
C ASN A 596 -5.21 20.98 23.54
N PRO A 597 -5.83 22.14 23.74
CA PRO A 597 -6.05 23.08 22.63
C PRO A 597 -4.80 23.45 21.84
N ASN A 598 -3.60 23.06 22.30
CA ASN A 598 -2.38 23.41 21.59
C ASN A 598 -2.06 22.44 20.45
N LEU A 599 -2.80 21.35 20.33
CA LEU A 599 -2.45 20.27 19.41
C LEU A 599 -3.66 19.89 18.59
N THR A 600 -3.38 19.44 17.37
CA THR A 600 -4.40 18.90 16.47
C THR A 600 -4.01 17.49 16.06
N ILE A 601 -4.64 16.51 16.68
CA ILE A 601 -4.29 15.11 16.51
C ILE A 601 -5.14 14.49 15.43
N SER A 602 -4.49 13.71 14.58
CA SER A 602 -5.17 12.92 13.57
C SER A 602 -4.73 11.56 14.07
N PHE A 603 -5.67 10.68 14.41
CA PHE A 603 -5.29 9.39 14.95
C PHE A 603 -5.95 8.26 14.17
N THR A 604 -5.55 7.03 14.49
CA THR A 604 -6.18 5.86 13.91
C THR A 604 -5.94 4.66 14.81
N ALA A 605 -6.23 3.47 14.31
CA ALA A 605 -5.91 2.21 14.97
C ALA A 605 -6.14 1.10 13.95
N GLU A 606 -5.57 -0.06 14.20
CA GLU A 606 -5.75 -1.17 13.27
C GLU A 606 -7.20 -1.62 13.20
N ARG A 607 -7.94 -1.47 14.30
CA ARG A 607 -9.33 -1.90 14.35
C ARG A 607 -10.32 -0.78 14.07
N SER A 608 -9.89 0.30 13.42
CA SER A 608 -10.77 1.46 13.32
C SER A 608 -11.61 1.39 12.06
N ILE A 609 -11.06 0.79 11.00
CA ILE A 609 -11.82 0.70 9.76
C ILE A 609 -13.00 -0.25 9.96
N GLU A 610 -12.75 -1.37 10.63
CA GLU A 610 -13.79 -2.35 10.91
C GLU A 610 -14.90 -1.75 11.76
N ASP A 611 -14.49 -0.95 12.74
CA ASP A 611 -15.43 -0.25 13.61
C ASP A 611 -16.27 0.77 12.85
N GLU A 612 -15.63 1.49 11.94
CA GLU A 612 -16.28 2.47 11.09
C GLU A 612 -17.30 1.81 10.18
N LEU A 613 -16.97 0.64 9.67
CA LEU A 613 -17.88 -0.05 8.76
C LEU A 613 -19.04 -0.69 9.51
N ASN A 614 -18.79 -1.23 10.71
CA ASN A 614 -19.90 -1.70 11.51
C ASN A 614 -20.78 -0.56 12.01
N ARG A 615 -20.26 0.66 12.07
CA ARG A 615 -21.11 1.78 12.45
C ARG A 615 -21.92 2.34 11.29
N GLU A 616 -21.37 2.35 10.08
CA GLU A 616 -22.13 2.77 8.92
C GLU A 616 -23.10 1.71 8.43
N SER A 617 -22.83 0.43 8.66
CA SER A 617 -23.69 -0.64 8.17
C SER A 617 -24.94 -0.84 9.03
N ASP A 618 -24.99 -0.22 10.21
CA ASP A 618 -26.18 -0.26 11.05
C ASP A 618 -26.94 1.06 11.04
N SER A 619 -26.33 2.12 10.53
CA SER A 619 -26.91 3.46 10.47
C SER A 619 -27.70 3.72 9.21
N ASP A 620 -28.02 2.71 8.41
CA ASP A 620 -28.88 2.96 7.25
C ASP A 620 -30.09 2.03 7.14
N VAL A 621 -30.24 1.04 8.02
CA VAL A 621 -31.50 0.31 8.07
C VAL A 621 -32.62 1.27 8.39
N PHE A 622 -32.30 2.30 9.18
CA PHE A 622 -33.21 3.40 9.45
C PHE A 622 -33.57 4.16 8.18
N THR A 623 -32.65 4.07 7.21
CA THR A 623 -32.82 4.56 5.84
C THR A 623 -33.74 3.68 4.95
N VAL A 624 -33.53 2.36 5.00
CA VAL A 624 -34.28 1.36 4.24
C VAL A 624 -35.73 1.28 4.71
N VAL A 625 -36.01 1.48 5.99
CA VAL A 625 -37.39 1.38 6.46
C VAL A 625 -38.26 2.49 5.89
N ILE A 626 -37.74 3.71 5.80
CA ILE A 626 -38.52 4.80 5.20
C ILE A 626 -38.74 4.54 3.72
N SER A 627 -37.78 3.93 3.04
CA SER A 627 -37.93 3.60 1.63
C SER A 627 -39.12 2.67 1.43
N TYR A 628 -39.19 1.60 2.23
CA TYR A 628 -40.32 0.69 2.09
C TYR A 628 -41.62 1.35 2.49
N ALA A 629 -41.58 2.27 3.45
CA ALA A 629 -42.81 2.97 3.81
C ALA A 629 -43.34 3.80 2.65
N ILE A 630 -42.43 4.50 1.94
CA ILE A 630 -42.88 5.31 0.81
C ILE A 630 -43.32 4.43 -0.35
N MET A 631 -42.62 3.32 -0.57
CA MET A 631 -43.06 2.37 -1.58
C MET A 631 -44.45 1.86 -1.30
N PHE A 632 -44.75 1.49 -0.05
CA PHE A 632 -46.08 0.98 0.26
C PHE A 632 -47.12 2.07 0.12
N LEU A 633 -46.79 3.29 0.53
CA LEU A 633 -47.73 4.38 0.35
C LEU A 633 -48.08 4.57 -1.12
N TYR A 634 -47.08 4.66 -1.99
CA TYR A 634 -47.38 4.81 -3.41
C TYR A 634 -48.14 3.61 -3.99
N ILE A 635 -47.70 2.40 -3.66
CA ILE A 635 -48.33 1.19 -4.19
C ILE A 635 -49.80 1.06 -3.81
N SER A 636 -50.10 1.38 -2.56
CA SER A 636 -51.44 1.31 -2.03
C SER A 636 -52.43 2.25 -2.72
N LEU A 637 -51.99 3.47 -3.04
CA LEU A 637 -52.92 4.40 -3.66
C LEU A 637 -52.91 4.31 -5.18
N ALA A 638 -51.82 3.85 -5.77
CA ALA A 638 -51.74 3.90 -7.23
C ALA A 638 -52.19 2.65 -7.90
N LEU A 639 -52.16 1.51 -7.21
CA LEU A 639 -52.59 0.24 -7.79
C LEU A 639 -54.07 0.33 -8.15
N GLY A 640 -54.36 0.90 -9.32
CA GLY A 640 -55.74 1.07 -9.71
C GLY A 640 -56.47 2.26 -9.14
N HIS A 641 -57.12 3.03 -10.00
CA HIS A 641 -57.98 4.13 -9.57
C HIS A 641 -58.70 4.75 -10.75
N VAL A 650 -64.20 2.91 -2.04
CA VAL A 650 -63.14 2.01 -1.59
C VAL A 650 -62.52 1.33 -2.80
N ASP A 651 -62.01 2.15 -3.72
CA ASP A 651 -61.26 1.66 -4.88
C ASP A 651 -59.78 1.59 -4.53
N SER A 652 -59.50 1.44 -3.24
CA SER A 652 -58.13 1.47 -2.75
C SER A 652 -57.63 0.04 -2.61
N LYS A 653 -56.37 -0.16 -2.95
CA LYS A 653 -55.68 -1.45 -2.94
C LYS A 653 -54.66 -1.56 -1.81
N VAL A 654 -54.97 -1.00 -0.65
CA VAL A 654 -54.01 -1.02 0.47
C VAL A 654 -53.78 -2.44 0.92
N SER A 655 -54.86 -3.22 0.97
CA SER A 655 -54.79 -4.61 1.40
C SER A 655 -53.93 -5.43 0.47
N LEU A 656 -54.05 -5.19 -0.83
CA LEU A 656 -53.25 -5.90 -1.82
C LEU A 656 -51.80 -5.42 -1.85
N GLY A 657 -51.58 -4.12 -1.65
CA GLY A 657 -50.21 -3.64 -1.58
C GLY A 657 -49.47 -4.18 -0.37
N ILE A 658 -50.16 -4.25 0.77
CA ILE A 658 -49.56 -4.87 1.95
C ILE A 658 -49.23 -6.33 1.66
N ALA A 659 -50.14 -7.05 0.99
CA ALA A 659 -49.86 -8.44 0.68
C ALA A 659 -48.62 -8.56 -0.20
N GLY A 660 -48.47 -7.66 -1.15
CA GLY A 660 -47.29 -7.71 -1.99
C GLY A 660 -46.01 -7.41 -1.24
N ILE A 661 -46.04 -6.38 -0.39
CA ILE A 661 -44.85 -6.10 0.41
C ILE A 661 -44.48 -7.26 1.32
N LEU A 662 -45.46 -7.89 1.96
CA LEU A 662 -45.14 -9.03 2.81
C LEU A 662 -44.58 -10.20 1.99
N ILE A 663 -45.12 -10.44 0.79
CA ILE A 663 -44.54 -11.50 -0.02
C ILE A 663 -43.10 -11.17 -0.36
N VAL A 664 -42.82 -9.91 -0.68
CA VAL A 664 -41.45 -9.49 -1.02
C VAL A 664 -40.51 -9.69 0.17
N LEU A 665 -40.89 -9.18 1.34
CA LEU A 665 -40.04 -9.36 2.52
C LEU A 665 -39.85 -10.82 2.85
N SER A 666 -40.89 -11.62 2.60
CA SER A 666 -40.81 -13.06 2.83
C SER A 666 -39.76 -13.65 1.91
N SER A 667 -39.73 -13.19 0.66
CA SER A 667 -38.76 -13.64 -0.33
C SER A 667 -37.33 -13.26 0.08
N VAL A 668 -37.15 -12.03 0.54
CA VAL A 668 -35.84 -11.59 1.04
C VAL A 668 -35.36 -12.49 2.17
N ALA A 669 -36.18 -12.61 3.22
CA ALA A 669 -35.79 -13.41 4.38
C ALA A 669 -35.54 -14.85 3.98
N CYS A 670 -36.35 -15.38 3.06
CA CYS A 670 -36.19 -16.78 2.68
C CYS A 670 -34.89 -17.00 1.94
N SER A 671 -34.51 -16.08 1.06
CA SER A 671 -33.23 -16.17 0.40
C SER A 671 -32.10 -16.15 1.41
N LEU A 672 -32.12 -15.17 2.30
CA LEU A 672 -31.08 -15.09 3.33
C LEU A 672 -30.99 -16.37 4.13
N GLY A 673 -32.14 -16.97 4.48
CA GLY A 673 -32.13 -18.13 5.34
C GLY A 673 -31.66 -19.41 4.67
N VAL A 674 -32.09 -19.63 3.43
CA VAL A 674 -31.60 -20.81 2.72
C VAL A 674 -30.08 -20.77 2.58
N PHE A 675 -29.53 -19.61 2.22
CA PHE A 675 -28.09 -19.53 2.05
C PHE A 675 -27.36 -19.55 3.39
N SER A 676 -28.04 -19.15 4.46
CA SER A 676 -27.43 -19.32 5.78
C SER A 676 -27.30 -20.79 6.10
N TYR A 677 -28.36 -21.56 5.85
CA TYR A 677 -28.26 -23.01 5.95
C TYR A 677 -27.08 -23.52 5.14
N ILE A 678 -26.99 -23.11 3.87
CA ILE A 678 -25.89 -23.57 3.03
C ILE A 678 -24.55 -23.15 3.61
N GLY A 679 -24.51 -22.03 4.33
CA GLY A 679 -23.30 -21.60 5.00
C GLY A 679 -22.63 -20.33 4.55
N LEU A 680 -23.25 -19.58 3.65
CA LEU A 680 -22.65 -18.34 3.20
C LEU A 680 -22.92 -17.27 4.25
N PRO A 681 -21.91 -16.58 4.76
CA PRO A 681 -22.16 -15.58 5.81
C PRO A 681 -22.58 -14.23 5.27
N LEU A 682 -23.30 -13.51 6.13
CA LEU A 682 -23.85 -12.21 5.80
C LEU A 682 -22.79 -11.12 5.97
N THR A 683 -22.85 -10.11 5.09
CA THR A 683 -21.94 -8.97 5.09
C THR A 683 -22.53 -7.68 5.69
N LEU A 684 -23.79 -7.79 6.10
CA LEU A 684 -24.60 -6.74 6.70
C LEU A 684 -24.71 -5.52 5.78
N ILE A 685 -23.80 -5.39 4.82
CA ILE A 685 -23.95 -4.42 3.74
C ILE A 685 -24.97 -4.90 2.72
N VAL A 686 -24.86 -6.16 2.32
CA VAL A 686 -25.81 -6.81 1.44
C VAL A 686 -27.19 -6.72 2.09
N ILE A 687 -27.27 -7.12 3.34
CA ILE A 687 -28.50 -7.22 4.10
C ILE A 687 -29.19 -5.88 4.05
N GLU A 688 -28.47 -4.86 3.58
CA GLU A 688 -28.98 -3.50 3.50
C GLU A 688 -29.20 -3.02 2.07
N VAL A 689 -28.47 -3.53 1.07
CA VAL A 689 -28.63 -3.09 -0.32
C VAL A 689 -29.55 -4.03 -1.13
N ILE A 690 -29.82 -5.23 -0.63
CA ILE A 690 -30.63 -6.27 -1.28
C ILE A 690 -32.13 -5.98 -1.21
N PRO A 691 -32.66 -5.60 -0.04
CA PRO A 691 -34.09 -5.30 0.04
C PRO A 691 -34.57 -4.28 -0.98
N PHE A 692 -33.82 -3.21 -1.20
CA PHE A 692 -34.24 -2.20 -2.17
C PHE A 692 -34.46 -2.79 -3.55
N LEU A 693 -33.50 -3.57 -4.03
CA LEU A 693 -33.60 -4.19 -5.34
C LEU A 693 -34.80 -5.13 -5.40
N VAL A 694 -34.95 -5.99 -4.40
CA VAL A 694 -36.01 -6.99 -4.47
C VAL A 694 -37.37 -6.30 -4.45
N LEU A 695 -37.51 -5.24 -3.65
CA LEU A 695 -38.75 -4.48 -3.63
C LEU A 695 -39.06 -3.88 -4.99
N ALA A 696 -38.05 -3.31 -5.65
CA ALA A 696 -38.27 -2.73 -6.98
C ALA A 696 -38.87 -3.78 -7.91
N VAL A 697 -38.20 -4.93 -8.03
CA VAL A 697 -38.66 -5.93 -8.99
C VAL A 697 -40.05 -6.47 -8.62
N GLY A 698 -40.27 -6.75 -7.34
CA GLY A 698 -41.55 -7.31 -6.94
C GLY A 698 -42.70 -6.35 -7.21
N VAL A 699 -42.50 -5.07 -6.93
CA VAL A 699 -43.56 -4.11 -7.19
C VAL A 699 -43.85 -4.02 -8.68
N ASP A 700 -42.81 -4.08 -9.50
CA ASP A 700 -43.10 -4.06 -10.93
C ASP A 700 -43.98 -5.21 -11.40
N ASN A 701 -43.64 -6.42 -10.97
CA ASN A 701 -44.43 -7.56 -11.40
C ASN A 701 -45.87 -7.47 -10.88
N ILE A 702 -46.04 -7.09 -9.61
CA ILE A 702 -47.37 -6.98 -9.03
C ILE A 702 -48.22 -6.00 -9.83
N PHE A 703 -47.68 -4.82 -10.14
CA PHE A 703 -48.49 -3.85 -10.86
C PHE A 703 -48.86 -4.34 -12.25
N ILE A 704 -47.88 -4.86 -13.00
CA ILE A 704 -48.22 -5.42 -14.31
C ILE A 704 -49.44 -6.34 -14.22
N LEU A 705 -49.36 -7.35 -13.34
CA LEU A 705 -50.43 -8.34 -13.31
C LEU A 705 -51.74 -7.73 -12.87
N VAL A 706 -51.74 -7.00 -11.77
CA VAL A 706 -52.98 -6.48 -11.21
C VAL A 706 -53.66 -5.56 -12.21
N GLN A 707 -52.88 -4.72 -12.91
CA GLN A 707 -53.48 -3.75 -13.82
C GLN A 707 -53.99 -4.38 -15.10
N ALA A 708 -53.32 -5.41 -15.63
CA ALA A 708 -53.92 -6.06 -16.80
C ALA A 708 -55.30 -6.64 -16.48
N TYR A 709 -55.48 -7.08 -15.24
CA TYR A 709 -56.79 -7.56 -14.83
C TYR A 709 -57.74 -6.38 -14.68
N GLN A 710 -57.30 -5.35 -13.98
CA GLN A 710 -58.18 -4.23 -13.73
C GLN A 710 -58.65 -3.70 -15.05
N ARG A 711 -57.80 -3.79 -16.05
CA ARG A 711 -58.17 -3.26 -17.36
C ARG A 711 -58.85 -4.30 -18.21
N ASP A 712 -59.19 -5.45 -17.63
CA ASP A 712 -59.78 -6.50 -18.44
C ASP A 712 -61.30 -6.46 -18.26
N GLU A 713 -62.02 -6.56 -19.37
CA GLU A 713 -63.48 -6.65 -19.37
C GLU A 713 -63.94 -8.10 -19.51
N ARG A 714 -64.94 -8.45 -18.71
CA ARG A 714 -65.45 -9.82 -18.59
C ARG A 714 -66.39 -10.18 -19.73
N LEU A 715 -66.13 -11.35 -20.31
CA LEU A 715 -66.97 -12.00 -21.31
C LEU A 715 -68.35 -12.31 -20.74
N GLN A 716 -68.97 -13.39 -21.19
CA GLN A 716 -70.31 -13.72 -20.70
C GLN A 716 -70.20 -14.35 -19.32
N GLY A 717 -71.23 -15.04 -18.86
CA GLY A 717 -71.16 -15.48 -17.48
C GLY A 717 -69.90 -16.21 -17.08
N GLU A 718 -68.98 -15.38 -16.58
CA GLU A 718 -67.68 -15.78 -16.07
C GLU A 718 -67.70 -15.51 -14.58
N THR A 719 -67.35 -16.49 -13.75
CA THR A 719 -67.49 -16.10 -12.36
C THR A 719 -66.22 -15.33 -12.03
N LEU A 720 -65.14 -16.03 -11.75
CA LEU A 720 -63.96 -15.31 -11.28
C LEU A 720 -62.71 -16.01 -11.77
N ASP A 721 -62.73 -17.32 -11.63
CA ASP A 721 -61.62 -18.18 -12.05
C ASP A 721 -61.37 -18.11 -13.55
N GLN A 722 -62.42 -18.11 -14.36
CA GLN A 722 -62.19 -18.03 -15.79
C GLN A 722 -61.56 -16.72 -16.21
N GLN A 723 -62.04 -15.60 -15.67
CA GLN A 723 -61.44 -14.31 -15.97
C GLN A 723 -59.98 -14.25 -15.50
N LEU A 724 -59.71 -14.73 -14.28
CA LEU A 724 -58.34 -14.68 -13.79
C LEU A 724 -57.42 -15.61 -14.55
N GLY A 725 -57.90 -16.80 -14.93
CA GLY A 725 -57.08 -17.68 -15.73
C GLY A 725 -56.77 -17.09 -17.10
N ARG A 726 -57.76 -16.43 -17.69
CA ARG A 726 -57.60 -15.75 -18.97
C ARG A 726 -56.61 -14.58 -18.91
N VAL A 727 -56.70 -13.77 -17.85
CA VAL A 727 -55.78 -12.66 -17.64
C VAL A 727 -54.38 -13.16 -17.36
N LEU A 728 -54.26 -14.22 -16.55
CA LEU A 728 -52.93 -14.73 -16.22
C LEU A 728 -52.29 -15.42 -17.41
N GLY A 729 -53.09 -16.08 -18.23
CA GLY A 729 -52.50 -16.69 -19.40
C GLY A 729 -52.04 -15.67 -20.43
N GLU A 730 -52.65 -14.49 -20.43
CA GLU A 730 -52.22 -13.46 -21.36
C GLU A 730 -51.17 -12.53 -20.79
N VAL A 731 -50.99 -12.53 -19.47
CA VAL A 731 -49.99 -11.65 -18.85
C VAL A 731 -48.77 -12.41 -18.34
N ALA A 732 -48.85 -13.71 -18.20
CA ALA A 732 -47.76 -14.38 -17.51
C ALA A 732 -46.51 -14.52 -18.35
N PRO A 733 -46.61 -14.79 -19.65
CA PRO A 733 -45.35 -14.89 -20.42
C PRO A 733 -44.46 -13.67 -20.26
N SER A 734 -45.04 -12.47 -20.17
CA SER A 734 -44.23 -11.27 -20.03
C SER A 734 -43.59 -11.15 -18.66
N MET A 735 -44.39 -11.35 -17.61
CA MET A 735 -43.84 -11.30 -16.25
C MET A 735 -42.79 -12.38 -16.07
N PHE A 736 -43.01 -13.54 -16.66
CA PHE A 736 -42.05 -14.63 -16.55
C PHE A 736 -40.77 -14.30 -17.27
N LEU A 737 -40.88 -13.73 -18.47
CA LEU A 737 -39.68 -13.31 -19.18
C LEU A 737 -38.86 -12.33 -18.36
N SER A 738 -39.51 -11.28 -17.84
CA SER A 738 -38.77 -10.30 -17.05
C SER A 738 -38.12 -10.93 -15.83
N SER A 739 -38.90 -11.69 -15.05
CA SER A 739 -38.38 -12.28 -13.83
C SER A 739 -37.23 -13.24 -14.10
N PHE A 740 -37.33 -14.02 -15.18
CA PHE A 740 -36.27 -14.97 -15.46
C PHE A 740 -35.04 -14.28 -16.02
N SER A 741 -35.23 -13.24 -16.83
CA SER A 741 -34.08 -12.52 -17.35
C SER A 741 -33.31 -11.91 -16.20
N GLU A 742 -34.00 -11.37 -15.21
CA GLU A 742 -33.30 -10.77 -14.07
C GLU A 742 -32.67 -11.83 -13.19
N THR A 743 -33.39 -12.92 -12.91
CA THR A 743 -32.80 -13.96 -12.08
C THR A 743 -31.52 -14.49 -12.72
N VAL A 744 -31.56 -14.80 -14.01
CA VAL A 744 -30.36 -15.31 -14.67
C VAL A 744 -29.26 -14.25 -14.67
N ALA A 745 -29.62 -12.99 -14.95
CA ALA A 745 -28.62 -11.92 -14.93
C ALA A 745 -27.91 -11.86 -13.59
N PHE A 746 -28.68 -11.87 -12.51
CA PHE A 746 -28.09 -11.76 -11.17
C PHE A 746 -27.23 -12.97 -10.87
N PHE A 747 -27.80 -14.17 -11.00
CA PHE A 747 -27.03 -15.36 -10.69
C PHE A 747 -25.72 -15.37 -11.46
N LEU A 748 -25.78 -15.08 -12.75
CA LEU A 748 -24.58 -15.01 -13.55
C LEU A 748 -23.63 -13.91 -13.09
N GLY A 749 -24.14 -12.79 -12.60
CA GLY A 749 -23.21 -11.84 -12.05
C GLY A 749 -22.55 -12.31 -10.77
N ALA A 750 -23.10 -13.36 -10.16
CA ALA A 750 -22.45 -13.99 -9.01
C ALA A 750 -21.36 -14.96 -9.47
N LEU A 751 -20.46 -14.53 -10.34
CA LEU A 751 -19.33 -15.37 -10.75
C LEU A 751 -17.97 -14.72 -10.52
N SER A 752 -17.91 -13.43 -10.23
CA SER A 752 -16.60 -12.80 -10.05
C SER A 752 -15.94 -13.37 -8.82
N VAL A 753 -14.68 -12.99 -8.58
CA VAL A 753 -13.92 -13.50 -7.44
C VAL A 753 -13.81 -12.36 -6.43
N MET A 754 -14.77 -12.30 -5.55
CA MET A 754 -14.78 -11.35 -4.46
C MET A 754 -15.88 -11.90 -3.56
N PRO A 755 -15.59 -12.26 -2.31
CA PRO A 755 -16.65 -12.83 -1.48
C PRO A 755 -17.81 -11.88 -1.21
N ALA A 756 -17.61 -10.57 -1.27
CA ALA A 756 -18.71 -9.66 -0.98
C ALA A 756 -19.66 -9.59 -2.16
N VAL A 757 -19.11 -9.53 -3.37
CA VAL A 757 -19.97 -9.44 -4.54
C VAL A 757 -20.49 -10.83 -4.85
N HIS A 758 -19.68 -11.85 -4.61
CA HIS A 758 -20.12 -13.20 -4.89
C HIS A 758 -21.37 -13.49 -4.07
N THR A 759 -21.25 -13.34 -2.74
CA THR A 759 -22.39 -13.63 -1.88
C THR A 759 -23.57 -12.71 -2.17
N PHE A 760 -23.32 -11.40 -2.36
CA PHE A 760 -24.44 -10.52 -2.66
C PHE A 760 -25.19 -10.94 -3.92
N SER A 761 -24.45 -11.26 -4.99
CA SER A 761 -25.09 -11.70 -6.22
C SER A 761 -25.94 -12.93 -5.99
N LEU A 762 -25.36 -13.94 -5.34
CA LEU A 762 -26.10 -15.17 -5.05
C LEU A 762 -27.38 -14.85 -4.30
N PHE A 763 -27.25 -14.13 -3.19
CA PHE A 763 -28.39 -13.82 -2.35
C PHE A 763 -29.48 -13.14 -3.17
N ALA A 764 -29.11 -12.12 -3.94
CA ALA A 764 -30.12 -11.33 -4.64
C ALA A 764 -30.80 -12.16 -5.73
N GLY A 765 -30.02 -12.95 -6.47
CA GLY A 765 -30.62 -13.82 -7.46
C GLY A 765 -31.63 -14.78 -6.86
N LEU A 766 -31.23 -15.47 -5.80
CA LEU A 766 -32.16 -16.42 -5.19
C LEU A 766 -33.39 -15.71 -4.65
N ALA A 767 -33.21 -14.55 -4.04
CA ALA A 767 -34.36 -13.85 -3.48
C ALA A 767 -35.32 -13.43 -4.58
N VAL A 768 -34.81 -12.92 -5.69
CA VAL A 768 -35.69 -12.51 -6.78
C VAL A 768 -36.43 -13.70 -7.35
N PHE A 769 -35.74 -14.82 -7.57
CA PHE A 769 -36.42 -15.97 -8.14
C PHE A 769 -37.50 -16.52 -7.21
N ILE A 770 -37.15 -16.71 -5.94
CA ILE A 770 -38.12 -17.25 -4.99
C ILE A 770 -39.28 -16.28 -4.85
N ASP A 771 -39.02 -14.97 -4.91
CA ASP A 771 -40.08 -14.00 -4.81
C ASP A 771 -41.00 -14.08 -6.01
N PHE A 772 -40.43 -14.21 -7.20
CA PHE A 772 -41.28 -14.39 -8.36
C PHE A 772 -42.19 -15.58 -8.21
N LEU A 773 -41.65 -16.73 -7.79
CA LEU A 773 -42.50 -17.90 -7.67
C LEU A 773 -43.59 -17.68 -6.63
N LEU A 774 -43.18 -17.31 -5.41
CA LEU A 774 -44.14 -17.07 -4.34
C LEU A 774 -45.19 -16.05 -4.72
N GLN A 775 -44.77 -14.95 -5.35
CA GLN A 775 -45.74 -13.98 -5.80
C GLN A 775 -46.72 -14.64 -6.76
N ILE A 776 -46.24 -15.10 -7.91
CA ILE A 776 -47.15 -15.58 -8.94
C ILE A 776 -48.15 -16.57 -8.37
N THR A 777 -47.72 -17.33 -7.35
CA THR A 777 -48.62 -18.34 -6.80
C THR A 777 -49.46 -17.85 -5.63
N CYS A 778 -48.87 -17.46 -4.53
CA CYS A 778 -49.73 -17.11 -3.42
C CYS A 778 -50.58 -15.93 -3.85
N PHE A 779 -49.94 -14.95 -4.51
CA PHE A 779 -50.58 -13.72 -4.89
C PHE A 779 -51.64 -13.87 -5.99
N VAL A 780 -51.56 -14.84 -6.92
CA VAL A 780 -52.66 -14.92 -7.85
C VAL A 780 -53.90 -15.46 -7.16
N SER A 781 -53.71 -16.42 -6.25
CA SER A 781 -54.82 -16.90 -5.43
C SER A 781 -55.42 -15.79 -4.58
N LEU A 782 -54.55 -15.03 -3.91
CA LEU A 782 -55.05 -13.95 -3.06
C LEU A 782 -55.69 -12.86 -3.89
N LEU A 783 -55.25 -12.71 -5.14
CA LEU A 783 -55.89 -11.75 -6.02
C LEU A 783 -57.28 -12.20 -6.39
N GLY A 784 -57.44 -13.49 -6.66
CA GLY A 784 -58.78 -14.02 -6.85
C GLY A 784 -59.68 -13.78 -5.64
N LEU A 785 -59.16 -14.05 -4.44
CA LEU A 785 -59.98 -13.83 -3.26
C LEU A 785 -60.37 -12.37 -3.10
N ASP A 786 -59.42 -11.45 -3.34
CA ASP A 786 -59.76 -10.05 -3.18
C ASP A 786 -60.64 -9.52 -4.29
N ILE A 787 -60.51 -10.05 -5.50
CA ILE A 787 -61.42 -9.69 -6.58
C ILE A 787 -62.83 -10.15 -6.29
N LYS A 788 -63.01 -11.38 -5.79
CA LYS A 788 -64.35 -11.72 -5.36
C LYS A 788 -64.81 -10.69 -4.34
N ARG A 789 -64.00 -10.45 -3.32
CA ARG A 789 -64.29 -9.41 -2.34
C ARG A 789 -64.43 -8.09 -3.08
N GLN A 790 -65.01 -7.10 -2.42
CA GLN A 790 -65.23 -5.79 -3.02
C GLN A 790 -66.27 -5.74 -4.14
N GLU A 791 -66.53 -6.84 -4.81
CA GLU A 791 -67.58 -6.80 -5.83
C GLU A 791 -68.94 -6.93 -5.20
N LYS A 792 -69.00 -6.73 -3.89
CA LYS A 792 -70.22 -6.71 -3.12
C LYS A 792 -70.28 -5.49 -2.20
N ASN A 793 -69.32 -4.58 -2.31
CA ASN A 793 -69.20 -3.42 -1.43
C ASN A 793 -69.11 -3.87 0.02
N ARG A 794 -68.07 -4.64 0.31
CA ARG A 794 -67.86 -5.18 1.64
C ARG A 794 -66.69 -4.49 2.33
N SER A 815 -58.67 4.86 -17.48
CA SER A 815 -57.40 5.32 -16.94
C SER A 815 -57.02 6.68 -17.51
N CYS A 816 -56.26 7.45 -16.75
CA CYS A 816 -55.89 8.81 -17.16
C CYS A 816 -54.57 8.79 -17.91
N LEU A 817 -53.70 7.83 -17.57
CA LEU A 817 -52.43 7.68 -18.27
C LEU A 817 -52.60 7.04 -19.63
N PHE A 818 -53.32 5.92 -19.66
CA PHE A 818 -53.60 5.18 -20.88
C PHE A 818 -54.28 6.03 -21.95
N ARG A 819 -55.12 6.94 -21.52
CA ARG A 819 -55.75 7.85 -22.46
C ARG A 819 -54.65 8.72 -23.10
N PHE A 820 -53.62 9.05 -22.31
CA PHE A 820 -52.61 10.00 -22.75
C PHE A 820 -51.64 9.30 -23.69
N PHE A 821 -51.14 8.13 -23.30
CA PHE A 821 -50.14 7.52 -24.14
C PHE A 821 -50.69 7.24 -25.53
N LYS A 822 -51.88 6.67 -25.61
CA LYS A 822 -52.48 6.43 -26.91
C LYS A 822 -52.92 7.72 -27.60
N ASN A 823 -53.58 8.59 -26.84
CA ASN A 823 -54.12 9.84 -27.37
C ASN A 823 -53.19 10.97 -27.82
N SER A 824 -52.18 11.32 -27.03
CA SER A 824 -51.31 12.43 -27.41
C SER A 824 -49.80 12.22 -27.43
N TYR A 825 -49.33 11.12 -26.85
CA TYR A 825 -47.89 10.87 -26.80
C TYR A 825 -47.47 9.88 -27.87
N SER A 826 -48.17 8.76 -27.98
CA SER A 826 -47.83 7.75 -28.97
C SER A 826 -47.90 8.31 -30.38
N PRO A 827 -48.96 9.04 -30.72
CA PRO A 827 -49.04 9.60 -32.07
C PRO A 827 -47.92 10.59 -32.32
N LEU A 828 -47.68 11.47 -31.35
CA LEU A 828 -46.62 12.46 -31.49
C LEU A 828 -45.26 11.80 -31.70
N LEU A 829 -44.89 10.87 -30.82
CA LEU A 829 -43.58 10.25 -30.90
C LEU A 829 -43.37 9.57 -32.25
N LEU A 830 -44.45 9.09 -32.85
CA LEU A 830 -44.36 8.28 -34.06
C LEU A 830 -44.60 9.03 -35.36
N LYS A 831 -44.67 10.35 -35.31
CA LYS A 831 -44.81 11.10 -36.55
C LYS A 831 -43.61 10.82 -37.45
N ASP A 832 -43.72 11.20 -38.72
CA ASP A 832 -42.70 10.86 -39.69
C ASP A 832 -41.46 11.74 -39.63
N TRP A 833 -41.54 12.92 -39.02
CA TRP A 833 -40.37 13.78 -38.92
C TRP A 833 -39.69 13.71 -37.56
N MET A 834 -40.45 13.50 -36.49
CA MET A 834 -39.87 13.42 -35.15
C MET A 834 -39.02 12.17 -34.97
N ARG A 835 -39.39 11.09 -35.64
CA ARG A 835 -38.63 9.85 -35.51
C ARG A 835 -37.18 9.93 -35.95
N PRO A 836 -36.86 10.51 -37.12
CA PRO A 836 -35.45 10.67 -37.47
C PRO A 836 -34.66 11.54 -36.50
N ILE A 837 -35.26 12.62 -35.99
CA ILE A 837 -34.55 13.43 -35.00
C ILE A 837 -34.24 12.61 -33.76
N VAL A 838 -35.23 11.87 -33.24
CA VAL A 838 -35.00 11.08 -32.04
C VAL A 838 -33.90 10.05 -32.27
N ILE A 839 -33.95 9.33 -33.39
CA ILE A 839 -32.94 8.32 -33.63
C ILE A 839 -31.56 8.96 -33.72
N ALA A 840 -31.46 10.11 -34.40
CA ALA A 840 -30.18 10.79 -34.51
C ALA A 840 -29.66 11.17 -33.13
N ILE A 841 -30.51 11.76 -32.29
CA ILE A 841 -30.05 12.19 -30.98
C ILE A 841 -29.55 10.99 -30.17
N PHE A 842 -30.26 9.88 -30.21
CA PHE A 842 -29.84 8.75 -29.38
C PHE A 842 -28.57 8.11 -29.90
N VAL A 843 -28.40 8.03 -31.22
CA VAL A 843 -27.14 7.50 -31.73
C VAL A 843 -26.01 8.45 -31.41
N GLY A 844 -26.29 9.76 -31.35
CA GLY A 844 -25.26 10.70 -30.95
C GLY A 844 -24.83 10.51 -29.51
N VAL A 845 -25.80 10.32 -28.62
CA VAL A 845 -25.44 10.07 -27.22
C VAL A 845 -24.65 8.78 -27.10
N LEU A 846 -25.02 7.76 -27.88
CA LEU A 846 -24.25 6.52 -27.83
C LEU A 846 -22.83 6.74 -28.34
N SER A 847 -22.66 7.56 -29.36
CA SER A 847 -21.32 7.85 -29.87
C SER A 847 -20.49 8.57 -28.82
N PHE A 848 -21.08 9.55 -28.14
CA PHE A 848 -20.38 10.22 -27.05
C PHE A 848 -19.96 9.23 -25.98
N SER A 849 -20.87 8.34 -25.62
CA SER A 849 -20.61 7.36 -24.57
C SER A 849 -19.45 6.46 -24.96
N ILE A 850 -19.40 6.06 -26.23
CA ILE A 850 -18.30 5.23 -26.69
C ILE A 850 -17.00 6.03 -26.74
N ALA A 851 -17.09 7.33 -26.95
CA ALA A 851 -15.88 8.14 -27.04
C ALA A 851 -15.22 8.32 -25.67
N VAL A 852 -16.00 8.59 -24.64
CA VAL A 852 -15.40 8.89 -23.34
C VAL A 852 -15.36 7.66 -22.45
N LEU A 853 -15.43 6.48 -23.05
CA LEU A 853 -15.55 5.25 -22.28
C LEU A 853 -14.27 4.91 -21.54
N ASN A 854 -13.13 4.92 -22.24
CA ASN A 854 -11.86 4.45 -21.69
C ASN A 854 -11.19 5.50 -20.79
N LYS A 855 -11.97 6.48 -20.32
CA LYS A 855 -11.44 7.50 -19.42
C LYS A 855 -11.96 7.31 -17.99
N VAL A 856 -12.56 6.15 -17.74
CA VAL A 856 -13.17 5.84 -16.45
C VAL A 856 -12.08 5.54 -15.43
N ASP A 857 -12.28 6.00 -14.20
CA ASP A 857 -11.29 5.80 -13.15
C ASP A 857 -11.27 4.33 -12.78
N ILE A 858 -10.19 3.87 -12.17
CA ILE A 858 -10.08 2.49 -11.71
C ILE A 858 -9.70 2.46 -10.24
N GLY A 859 -10.57 1.86 -9.44
CA GLY A 859 -10.32 1.68 -8.02
C GLY A 859 -11.23 2.46 -7.11
N LEU A 860 -11.08 2.27 -5.80
CA LEU A 860 -11.91 2.95 -4.82
C LEU A 860 -11.06 3.77 -3.87
N ASP A 861 -11.55 4.96 -3.53
CA ASP A 861 -10.74 5.92 -2.79
C ASP A 861 -10.28 5.33 -1.46
N GLN A 862 -11.15 4.59 -0.79
CA GLN A 862 -10.81 4.00 0.49
C GLN A 862 -11.03 5.04 1.57
N SER A 863 -11.45 6.23 1.15
CA SER A 863 -11.77 7.31 2.07
C SER A 863 -13.23 7.68 1.96
N LEU A 864 -13.87 7.25 0.88
CA LEU A 864 -15.28 7.48 0.62
C LEU A 864 -16.14 6.36 1.19
N SER A 865 -15.52 5.26 1.59
CA SER A 865 -16.24 4.16 2.22
C SER A 865 -16.60 4.50 3.65
N MET A 866 -16.13 5.65 4.12
CA MET A 866 -16.32 6.16 5.46
C MET A 866 -17.36 7.28 5.47
N PRO A 867 -18.10 7.41 6.55
CA PRO A 867 -19.01 8.56 6.68
C PRO A 867 -18.23 9.87 6.55
N ASP A 868 -18.97 10.96 6.37
CA ASP A 868 -18.40 12.30 6.34
C ASP A 868 -17.89 12.81 7.70
N ASP A 869 -18.63 12.50 8.76
CA ASP A 869 -18.32 13.02 10.09
C ASP A 869 -17.31 12.16 10.83
N SER A 870 -16.62 11.26 10.15
CA SER A 870 -15.65 10.38 10.80
C SER A 870 -14.22 10.94 10.89
N TYR A 871 -13.45 10.47 11.88
CA TYR A 871 -12.08 10.92 12.02
C TYR A 871 -11.11 10.21 11.08
N MET A 872 -11.52 9.09 10.48
CA MET A 872 -10.66 8.42 9.52
C MET A 872 -10.51 9.22 8.24
N VAL A 873 -11.54 9.98 7.87
CA VAL A 873 -11.41 10.87 6.71
C VAL A 873 -10.34 11.91 6.98
N ASP A 874 -10.37 12.52 8.16
CA ASP A 874 -9.36 13.50 8.54
C ASP A 874 -7.99 12.84 8.59
N TYR A 875 -7.91 11.61 9.09
CA TYR A 875 -6.60 10.95 9.12
C TYR A 875 -6.07 10.72 7.73
N PHE A 876 -6.93 10.35 6.79
CA PHE A 876 -6.47 10.14 5.43
C PHE A 876 -6.02 11.45 4.81
N LYS A 877 -6.77 12.52 5.03
CA LYS A 877 -6.31 13.84 4.59
C LYS A 877 -4.93 14.15 5.17
N SER A 878 -4.75 13.90 6.46
CA SER A 878 -3.47 14.21 7.10
C SER A 878 -2.34 13.40 6.50
N ILE A 879 -2.57 12.10 6.27
CA ILE A 879 -1.56 11.29 5.60
C ILE A 879 -1.18 11.94 4.29
N SER A 880 -2.16 12.10 3.40
CA SER A 880 -1.87 12.61 2.06
C SER A 880 -1.17 13.96 2.12
N GLN A 881 -1.45 14.75 3.14
CA GLN A 881 -0.89 16.09 3.19
C GLN A 881 0.48 16.16 3.86
N TYR A 882 0.82 15.22 4.72
CA TYR A 882 2.05 15.36 5.48
C TYR A 882 3.03 14.21 5.31
N LEU A 883 2.58 12.96 5.31
CA LEU A 883 3.54 11.86 5.41
C LEU A 883 4.47 11.80 4.22
N HIS A 884 5.68 11.30 4.43
CA HIS A 884 6.66 11.16 3.37
C HIS A 884 7.06 9.72 3.09
N ALA A 885 6.78 8.78 3.97
CA ALA A 885 7.06 7.37 3.72
C ALA A 885 5.74 6.64 3.70
N GLY A 886 5.71 5.45 3.14
CA GLY A 886 4.48 4.70 3.06
C GLY A 886 4.58 3.36 3.76
N PRO A 887 3.74 2.42 3.35
CA PRO A 887 3.76 1.10 3.94
C PRO A 887 5.05 0.37 3.61
N PRO A 888 5.58 -0.39 4.56
CA PRO A 888 6.79 -1.18 4.32
C PRO A 888 6.57 -2.31 3.32
N VAL A 889 7.63 -2.62 2.60
CA VAL A 889 7.63 -3.73 1.65
C VAL A 889 8.64 -4.77 2.11
N TYR A 890 8.29 -6.03 1.93
CA TYR A 890 9.19 -7.14 2.26
C TYR A 890 9.40 -7.93 0.97
N PHE A 891 10.62 -7.96 0.49
CA PHE A 891 10.93 -8.77 -0.68
C PHE A 891 11.35 -10.16 -0.24
N VAL A 892 10.38 -11.05 -0.10
CA VAL A 892 10.61 -12.36 0.47
C VAL A 892 11.28 -13.28 -0.54
N LEU A 893 12.50 -13.68 -0.25
CA LEU A 893 13.16 -14.71 -1.04
C LEU A 893 12.75 -16.06 -0.47
N GLU A 894 12.00 -16.82 -1.25
CA GLU A 894 11.36 -18.03 -0.74
C GLU A 894 12.43 -19.05 -0.33
N GLU A 895 11.99 -20.12 0.33
CA GLU A 895 12.93 -21.14 0.75
C GLU A 895 13.44 -21.96 -0.43
N GLY A 896 14.76 -22.19 -0.45
CA GLY A 896 15.38 -23.00 -1.47
C GLY A 896 16.68 -22.44 -1.99
N HIS A 897 17.00 -21.20 -1.62
CA HIS A 897 18.24 -20.60 -2.04
C HIS A 897 19.38 -21.14 -1.17
N ASP A 898 20.60 -21.08 -1.69
CA ASP A 898 21.71 -21.73 -1.01
C ASP A 898 22.30 -20.88 0.11
N TYR A 899 22.83 -19.70 -0.23
CA TYR A 899 23.38 -18.78 0.77
C TYR A 899 24.73 -19.22 1.32
N THR A 900 25.17 -20.42 0.99
CA THR A 900 26.44 -20.91 1.51
C THR A 900 27.46 -21.10 0.40
N SER A 901 27.46 -20.18 -0.56
CA SER A 901 28.38 -20.27 -1.67
C SER A 901 28.64 -18.87 -2.20
N SER A 902 29.79 -18.72 -2.85
CA SER A 902 30.13 -17.43 -3.42
C SER A 902 29.02 -16.89 -4.32
N LYS A 903 28.57 -17.71 -5.26
CA LYS A 903 27.53 -17.27 -6.19
C LYS A 903 26.19 -17.13 -5.50
N GLY A 904 25.86 -18.07 -4.62
CA GLY A 904 24.62 -17.98 -3.88
C GLY A 904 24.52 -16.72 -3.05
N GLN A 905 25.68 -16.18 -2.65
CA GLN A 905 25.71 -14.92 -1.92
C GLN A 905 25.74 -13.73 -2.87
N ASN A 906 26.39 -13.89 -4.02
CA ASN A 906 26.42 -12.80 -4.99
C ASN A 906 25.04 -12.50 -5.53
N MET A 907 24.19 -13.50 -5.63
CA MET A 907 22.84 -13.24 -6.14
C MET A 907 22.03 -12.40 -5.17
N VAL A 908 22.44 -12.30 -3.91
CA VAL A 908 21.65 -11.66 -2.87
C VAL A 908 22.28 -10.38 -2.34
N CYS A 909 23.60 -10.22 -2.52
CA CYS A 909 24.44 -9.19 -1.82
C CYS A 909 24.54 -7.62 -1.72
N GLY A 910 24.52 -6.79 -2.76
CA GLY A 910 24.69 -5.34 -2.53
C GLY A 910 25.94 -4.93 -1.72
N GLY A 911 27.10 -5.37 -2.20
CA GLY A 911 28.42 -5.34 -1.61
C GLY A 911 29.60 -5.28 -2.56
N MET A 912 30.75 -5.82 -2.14
CA MET A 912 31.98 -5.62 -2.90
C MET A 912 32.14 -6.50 -4.14
N GLY A 913 32.26 -7.82 -3.95
CA GLY A 913 32.57 -8.67 -5.09
C GLY A 913 31.36 -9.28 -5.75
N CYS A 914 30.23 -9.30 -5.07
CA CYS A 914 29.03 -9.95 -5.58
C CYS A 914 28.35 -9.07 -6.62
N ASN A 915 27.56 -9.72 -7.48
CA ASN A 915 27.09 -9.14 -8.74
C ASN A 915 26.40 -7.79 -8.64
N ASN A 916 26.28 -7.13 -9.79
CA ASN A 916 25.63 -5.84 -9.95
C ASN A 916 24.15 -5.95 -10.24
N ASP A 917 23.64 -7.17 -10.44
CA ASP A 917 22.22 -7.39 -10.68
C ASP A 917 21.58 -8.14 -9.52
N SER A 918 22.27 -8.24 -8.39
CA SER A 918 21.77 -8.97 -7.24
C SER A 918 20.48 -8.34 -6.72
N LEU A 919 19.85 -9.03 -5.79
CA LEU A 919 18.59 -8.57 -5.23
C LEU A 919 18.72 -7.19 -4.59
N VAL A 920 19.71 -7.03 -3.73
CA VAL A 920 19.84 -5.76 -3.02
C VAL A 920 20.17 -4.63 -3.97
N GLN A 921 21.03 -4.89 -4.95
CA GLN A 921 21.38 -3.85 -5.89
C GLN A 921 20.19 -3.45 -6.76
N GLN A 922 19.36 -4.41 -7.14
CA GLN A 922 18.20 -4.09 -7.95
C GLN A 922 17.20 -3.27 -7.14
N ILE A 923 17.01 -3.62 -5.87
CA ILE A 923 16.13 -2.81 -5.04
C ILE A 923 16.72 -1.42 -4.81
N PHE A 924 18.05 -1.34 -4.74
CA PHE A 924 18.69 -0.05 -4.60
C PHE A 924 18.45 0.83 -5.81
N ASN A 925 18.60 0.29 -7.01
CA ASN A 925 18.31 1.08 -8.20
C ASN A 925 16.85 1.53 -8.22
N ALA A 926 15.93 0.59 -7.98
CA ALA A 926 14.53 0.97 -7.89
C ALA A 926 14.32 2.13 -6.92
N ALA A 927 14.96 2.07 -5.76
CA ALA A 927 14.84 3.16 -4.79
C ALA A 927 15.50 4.44 -5.29
N GLN A 928 16.49 4.30 -6.18
CA GLN A 928 17.12 5.47 -6.75
C GLN A 928 16.18 6.19 -7.70
N LEU A 929 15.29 5.45 -8.37
CA LEU A 929 14.27 6.09 -9.18
C LEU A 929 13.21 6.79 -8.33
N ASP A 930 12.46 6.02 -7.55
CA ASP A 930 11.64 6.51 -6.45
C ASP A 930 10.40 7.26 -6.93
N ASN A 931 10.26 7.52 -8.22
CA ASN A 931 9.03 8.11 -8.75
C ASN A 931 8.44 7.18 -9.79
N TYR A 932 9.30 6.65 -10.65
CA TYR A 932 8.83 5.62 -11.57
C TYR A 932 8.51 4.35 -10.81
N THR A 933 9.51 3.73 -10.19
CA THR A 933 9.28 2.64 -9.26
C THR A 933 8.97 3.25 -7.90
N ARG A 934 7.80 2.96 -7.36
CA ARG A 934 7.40 3.61 -6.11
C ARG A 934 7.98 2.93 -4.87
N ILE A 935 9.29 2.74 -4.87
CA ILE A 935 10.02 2.18 -3.74
C ILE A 935 11.01 3.22 -3.27
N GLY A 936 10.81 3.72 -2.06
CA GLY A 936 11.49 4.94 -1.66
C GLY A 936 12.85 4.85 -1.01
N PHE A 937 13.21 3.75 -0.38
CA PHE A 937 14.41 3.75 0.43
C PHE A 937 15.18 2.46 0.21
N ALA A 938 16.40 2.42 0.75
CA ALA A 938 17.29 1.31 0.45
C ALA A 938 16.86 0.06 1.20
N PRO A 939 17.28 -1.10 0.73
CA PRO A 939 16.76 -2.36 1.27
C PRO A 939 17.03 -2.61 2.74
N SER A 940 18.19 -2.17 3.24
CA SER A 940 18.59 -2.45 4.63
C SER A 940 18.77 -3.97 4.91
N SER A 941 19.40 -4.65 3.95
CA SER A 941 19.64 -6.10 3.94
C SER A 941 20.38 -6.61 5.18
N TRP A 942 20.19 -7.89 5.49
CA TRP A 942 20.76 -8.50 6.68
C TRP A 942 22.07 -9.19 6.39
N ILE A 943 22.31 -9.60 5.14
CA ILE A 943 23.52 -10.33 4.86
C ILE A 943 24.71 -9.39 4.77
N ASP A 944 24.44 -8.17 4.29
CA ASP A 944 25.47 -7.12 4.24
C ASP A 944 25.92 -6.75 5.65
N ASP A 945 24.94 -6.63 6.54
CA ASP A 945 25.19 -6.35 7.95
C ASP A 945 25.94 -7.50 8.62
N TYR A 946 25.54 -8.74 8.30
CA TYR A 946 26.20 -9.90 8.88
C TYR A 946 27.66 -9.94 8.50
N PHE A 947 27.96 -9.67 7.23
CA PHE A 947 29.36 -9.68 6.81
C PHE A 947 30.15 -8.56 7.45
N ASP A 948 29.57 -7.36 7.53
CA ASP A 948 30.25 -6.27 8.21
C ASP A 948 30.56 -6.66 9.65
N TRP A 949 29.62 -7.34 10.30
CA TRP A 949 29.79 -7.79 11.66
C TRP A 949 30.89 -8.83 11.81
N VAL A 950 30.95 -9.80 10.91
CA VAL A 950 31.91 -10.90 11.03
C VAL A 950 33.31 -10.51 10.61
N LYS A 951 33.48 -9.40 9.92
CA LYS A 951 34.83 -9.05 9.47
C LYS A 951 35.75 -8.91 10.66
N PRO A 952 36.98 -9.45 10.56
CA PRO A 952 37.90 -9.38 11.70
C PRO A 952 38.22 -7.97 12.16
N GLN A 953 38.30 -7.03 11.21
CA GLN A 953 38.63 -5.64 11.54
C GLN A 953 37.58 -5.04 12.47
N SER A 954 36.30 -5.26 12.16
CA SER A 954 35.23 -4.86 13.07
C SER A 954 35.43 -5.47 14.45
N SER A 955 35.68 -6.77 14.49
CA SER A 955 35.97 -7.47 15.73
C SER A 955 34.82 -7.70 16.70
N CYS A 956 33.59 -7.55 16.24
CA CYS A 956 32.44 -7.76 17.11
C CYS A 956 32.27 -9.22 17.49
N CYS A 957 32.50 -10.11 16.55
CA CYS A 957 32.41 -11.55 16.81
C CYS A 957 33.63 -11.90 17.63
N ARG A 958 33.45 -12.76 18.62
CA ARG A 958 34.56 -13.23 19.44
C ARG A 958 34.07 -14.46 20.19
N VAL A 959 34.77 -15.57 20.01
CA VAL A 959 34.34 -16.84 20.56
C VAL A 959 35.21 -17.23 21.74
N ASP A 960 34.66 -18.08 22.60
CA ASP A 960 35.42 -18.67 23.69
C ASP A 960 36.33 -19.73 23.10
N ASN A 961 37.53 -19.87 23.67
CA ASN A 961 38.54 -20.69 23.03
C ASN A 961 38.22 -22.17 23.16
N ILE A 962 37.70 -22.58 24.31
CA ILE A 962 37.45 -23.98 24.61
C ILE A 962 36.00 -24.37 24.39
N THR A 963 35.06 -23.45 24.56
CA THR A 963 33.64 -23.77 24.49
C THR A 963 32.99 -23.47 23.16
N ASP A 964 33.62 -22.66 22.31
CA ASP A 964 33.03 -22.30 21.03
C ASP A 964 31.68 -21.63 21.27
N GLN A 965 31.61 -20.84 22.33
CA GLN A 965 30.41 -20.12 22.71
C GLN A 965 30.62 -18.64 22.44
N PHE A 966 29.52 -17.92 22.21
CA PHE A 966 29.61 -16.53 21.78
C PHE A 966 30.07 -15.68 22.95
N CYS A 967 31.28 -15.13 22.84
CA CYS A 967 31.77 -14.16 23.79
C CYS A 967 31.27 -12.78 23.41
N ASN A 968 30.50 -12.17 24.31
CA ASN A 968 29.93 -10.85 24.06
C ASN A 968 31.02 -9.85 23.73
N ALA A 969 30.64 -8.71 23.14
CA ALA A 969 31.59 -7.65 22.87
C ALA A 969 32.02 -6.89 24.12
N SER A 970 31.28 -7.02 25.21
CA SER A 970 31.65 -6.42 26.49
C SER A 970 31.97 -7.55 27.44
N VAL A 971 33.24 -7.97 27.45
CA VAL A 971 33.64 -9.11 28.27
C VAL A 971 35.09 -8.92 28.71
N VAL A 972 35.43 -9.56 29.84
CA VAL A 972 36.72 -9.41 30.49
C VAL A 972 37.84 -9.86 29.56
N ASP A 973 37.46 -10.44 28.42
CA ASP A 973 38.40 -10.99 27.46
C ASP A 973 39.28 -12.08 28.11
N PRO A 974 38.66 -13.01 28.85
CA PRO A 974 39.44 -14.03 29.56
C PRO A 974 40.16 -14.99 28.64
N ALA A 975 39.42 -15.68 27.77
CA ALA A 975 40.03 -16.60 26.82
C ALA A 975 39.33 -16.58 25.46
N CYS A 976 38.63 -15.49 25.16
CA CYS A 976 37.85 -15.40 23.93
C CYS A 976 38.74 -15.00 22.76
N VAL A 977 38.65 -15.75 21.67
CA VAL A 977 39.45 -15.49 20.48
C VAL A 977 38.58 -14.91 19.37
N ARG A 978 39.20 -14.22 18.42
CA ARG A 978 38.44 -13.67 17.32
C ARG A 978 37.82 -14.78 16.48
N CYS A 979 36.64 -14.51 15.94
CA CYS A 979 35.92 -15.52 15.16
C CYS A 979 36.67 -15.85 13.86
N ARG A 980 36.98 -14.85 13.07
CA ARG A 980 37.65 -15.06 11.80
C ARG A 980 39.13 -14.76 11.92
N PRO A 981 40.01 -15.65 11.49
CA PRO A 981 41.45 -15.38 11.61
C PRO A 981 41.81 -14.14 10.80
N LEU A 982 42.64 -13.29 11.39
CA LEU A 982 43.03 -12.03 10.75
C LEU A 982 44.17 -12.22 9.77
N THR A 983 43.89 -12.85 8.64
CA THR A 983 44.91 -13.06 7.62
C THR A 983 44.28 -12.76 6.25
N PRO A 984 45.07 -12.80 5.18
CA PRO A 984 44.50 -12.55 3.85
C PRO A 984 43.39 -13.53 3.48
N GLU A 985 43.48 -14.76 3.98
CA GLU A 985 42.43 -15.74 3.70
C GLU A 985 41.21 -15.47 4.58
N GLY A 986 41.46 -14.94 5.77
CA GLY A 986 40.36 -14.69 6.69
C GLY A 986 39.60 -13.44 6.32
N LYS A 987 40.22 -12.55 5.54
CA LYS A 987 39.56 -11.34 5.10
C LYS A 987 38.37 -11.66 4.21
N GLN A 988 38.48 -12.69 3.37
CA GLN A 988 37.44 -13.04 2.42
C GLN A 988 36.13 -13.28 3.14
N ARG A 989 35.07 -13.45 2.37
CA ARG A 989 33.77 -13.74 2.97
C ARG A 989 33.69 -15.15 3.51
N PRO A 990 32.91 -15.35 4.58
CA PRO A 990 32.74 -16.70 5.16
C PRO A 990 31.86 -17.61 4.33
N GLN A 991 32.45 -18.27 3.33
CA GLN A 991 31.65 -19.00 2.36
C GLN A 991 31.23 -20.39 2.85
N GLY A 992 32.06 -21.05 3.66
CA GLY A 992 31.75 -22.43 3.99
C GLY A 992 30.75 -22.63 5.13
N GLY A 993 31.12 -23.53 6.03
CA GLY A 993 30.32 -23.77 7.22
C GLY A 993 30.45 -22.72 8.30
N ASP A 994 31.45 -21.85 8.20
CA ASP A 994 31.54 -20.74 9.14
C ASP A 994 30.33 -19.83 9.02
N PHE A 995 29.84 -19.62 7.81
CA PHE A 995 28.63 -18.84 7.63
C PHE A 995 27.54 -19.29 8.59
N MET A 996 27.17 -20.59 8.52
CA MET A 996 26.06 -21.07 9.34
C MET A 996 26.48 -21.35 10.77
N ARG A 997 27.78 -21.45 11.00
CA ARG A 997 28.33 -21.58 12.34
C ARG A 997 28.20 -20.31 13.17
N PHE A 998 28.40 -19.16 12.52
CA PHE A 998 28.41 -17.86 13.18
C PHE A 998 27.13 -17.06 12.98
N LEU A 999 26.28 -17.46 12.05
CA LEU A 999 25.06 -16.70 11.81
C LEU A 999 24.14 -16.66 13.02
N PRO A 1000 23.90 -17.78 13.69
CA PRO A 1000 23.00 -17.74 14.86
C PRO A 1000 23.51 -16.82 15.95
N MET A 1001 24.82 -16.80 16.19
CA MET A 1001 25.36 -15.91 17.20
C MET A 1001 25.13 -14.45 16.82
N PHE A 1002 25.28 -14.14 15.54
CA PHE A 1002 24.97 -12.79 15.08
C PHE A 1002 23.50 -12.44 15.33
N LEU A 1003 22.60 -13.34 14.94
CA LEU A 1003 21.18 -13.06 15.09
C LEU A 1003 20.77 -13.01 16.55
N SER A 1004 21.60 -13.56 17.44
CA SER A 1004 21.36 -13.47 18.87
C SER A 1004 22.11 -12.31 19.54
N ASP A 1005 22.98 -11.65 18.78
CA ASP A 1005 23.76 -10.51 19.29
C ASP A 1005 22.85 -9.34 19.63
N ASN A 1006 23.22 -8.58 20.66
CA ASN A 1006 22.42 -7.45 21.08
C ASN A 1006 23.12 -6.15 20.73
N PRO A 1007 22.46 -5.02 20.87
CA PRO A 1007 23.08 -3.74 20.49
C PRO A 1007 24.11 -3.29 21.50
N ASN A 1008 25.33 -3.79 21.36
CA ASN A 1008 26.38 -3.47 22.32
C ASN A 1008 26.99 -2.10 21.98
N PRO A 1009 27.24 -1.25 22.97
CA PRO A 1009 27.81 0.07 22.66
C PRO A 1009 29.19 0.02 22.06
N LYS A 1010 30.00 -0.98 22.41
CA LYS A 1010 31.33 -1.12 21.83
C LYS A 1010 31.32 -1.76 20.46
N CYS A 1011 30.39 -2.68 20.20
CA CYS A 1011 30.34 -3.33 18.89
C CYS A 1011 29.60 -2.48 17.87
N GLY A 1012 28.34 -2.21 18.12
CA GLY A 1012 27.50 -1.55 17.15
C GLY A 1012 26.06 -1.99 17.31
N LYS A 1013 25.37 -2.05 16.19
CA LYS A 1013 23.97 -2.44 16.11
C LYS A 1013 23.60 -3.87 16.48
N GLY A 1014 24.43 -4.83 16.12
CA GLY A 1014 24.07 -6.22 16.35
C GLY A 1014 22.95 -6.65 15.43
N GLY A 1015 22.73 -7.96 15.33
CA GLY A 1015 21.75 -8.47 14.39
C GLY A 1015 20.51 -9.06 15.04
N HIS A 1016 20.15 -8.60 16.23
CA HIS A 1016 18.99 -9.15 16.89
C HIS A 1016 17.75 -8.28 16.76
N ALA A 1017 17.90 -6.97 16.89
CA ALA A 1017 16.76 -6.08 16.86
C ALA A 1017 16.21 -5.89 15.44
N ALA A 1018 16.90 -6.35 14.41
CA ALA A 1018 16.48 -6.04 13.05
C ALA A 1018 16.33 -7.26 12.15
N TYR A 1019 17.07 -8.33 12.40
CA TYR A 1019 17.13 -9.45 11.48
C TYR A 1019 16.75 -10.78 12.08
N SER A 1020 16.55 -10.86 13.40
CA SER A 1020 16.11 -12.10 14.03
C SER A 1020 14.83 -12.63 13.40
N SER A 1021 13.93 -11.71 13.14
CA SER A 1021 12.69 -11.98 12.43
C SER A 1021 12.92 -12.27 10.94
N ALA A 1022 13.87 -11.54 10.34
CA ALA A 1022 14.08 -11.59 8.91
C ALA A 1022 14.82 -12.83 8.45
N VAL A 1023 15.43 -13.59 9.35
CA VAL A 1023 16.13 -14.81 8.95
C VAL A 1023 15.52 -15.99 9.68
N ASN A 1024 15.19 -17.04 8.94
CA ASN A 1024 14.64 -18.22 9.54
C ASN A 1024 15.66 -19.33 9.41
N ILE A 1025 15.95 -20.01 10.51
CA ILE A 1025 16.92 -21.10 10.49
C ILE A 1025 16.25 -22.39 10.89
N LEU A 1026 16.50 -23.46 10.14
CA LEU A 1026 15.89 -24.74 10.44
C LEU A 1026 16.85 -25.56 11.28
N LEU A 1027 16.39 -25.98 12.46
CA LEU A 1027 17.22 -26.76 13.37
C LEU A 1027 17.57 -28.14 12.84
N GLY A 1028 18.82 -28.54 13.03
CA GLY A 1028 19.31 -29.83 12.61
C GLY A 1028 19.72 -29.90 11.16
N HIS A 1029 20.34 -31.01 10.77
CA HIS A 1029 20.77 -31.24 9.40
C HIS A 1029 21.63 -30.11 8.81
N GLY A 1030 22.58 -29.62 9.60
CA GLY A 1030 23.46 -28.56 9.15
C GLY A 1030 22.92 -27.16 9.31
N THR A 1031 21.73 -27.04 9.91
CA THR A 1031 21.12 -25.74 10.16
C THR A 1031 20.99 -24.84 8.93
N ARG A 1032 20.49 -25.39 7.84
CA ARG A 1032 20.33 -24.60 6.62
C ARG A 1032 19.32 -23.48 6.82
N VAL A 1033 19.58 -22.35 6.17
CA VAL A 1033 18.70 -21.19 6.26
C VAL A 1033 17.36 -21.38 5.54
N GLY A 1034 16.35 -20.68 6.05
CA GLY A 1034 15.01 -20.72 5.50
C GLY A 1034 14.69 -19.49 4.67
N ALA A 1035 13.44 -19.04 4.74
CA ALA A 1035 13.02 -17.88 3.98
C ALA A 1035 13.43 -16.60 4.68
N THR A 1036 13.84 -15.61 3.90
CA THR A 1036 14.28 -14.33 4.43
C THR A 1036 13.70 -13.21 3.60
N TYR A 1037 13.62 -12.01 4.17
CA TYR A 1037 13.12 -10.86 3.46
C TYR A 1037 14.03 -9.65 3.64
N PHE A 1038 13.93 -8.71 2.71
CA PHE A 1038 14.71 -7.47 2.72
C PHE A 1038 13.71 -6.33 2.68
N MET A 1039 13.39 -5.74 3.81
CA MET A 1039 12.24 -4.87 3.87
C MET A 1039 12.68 -3.44 3.63
N THR A 1040 11.97 -2.75 2.74
CA THR A 1040 12.16 -1.35 2.46
C THR A 1040 10.80 -0.67 2.61
N TYR A 1041 10.70 0.58 2.18
CA TYR A 1041 9.47 1.32 2.36
C TYR A 1041 8.96 1.82 1.01
N HIS A 1042 7.65 1.91 0.89
CA HIS A 1042 7.05 2.54 -0.27
C HIS A 1042 7.04 4.05 -0.12
N THR A 1043 6.69 4.73 -1.20
CA THR A 1043 6.55 6.17 -1.20
C THR A 1043 5.14 6.52 -0.75
N VAL A 1044 4.91 7.77 -0.33
CA VAL A 1044 3.58 8.12 0.09
C VAL A 1044 2.61 7.80 -1.03
N LEU A 1045 1.65 6.92 -0.72
CA LEU A 1045 0.64 6.48 -1.67
C LEU A 1045 -0.70 7.10 -1.31
N GLN A 1046 -1.25 7.88 -2.24
CA GLN A 1046 -2.44 8.66 -1.97
C GLN A 1046 -3.70 8.20 -2.69
N THR A 1047 -3.60 7.60 -3.87
CA THR A 1047 -4.77 7.26 -4.66
C THR A 1047 -4.69 5.81 -5.12
N SER A 1048 -5.81 5.32 -5.64
CA SER A 1048 -5.88 3.95 -6.11
C SER A 1048 -4.83 3.79 -7.20
N ALA A 1049 -4.71 4.80 -8.05
CA ALA A 1049 -3.69 4.76 -9.09
C ALA A 1049 -2.32 4.53 -8.47
N ASP A 1050 -2.04 5.25 -7.39
CA ASP A 1050 -0.76 5.07 -6.70
C ASP A 1050 -0.59 3.65 -6.21
N PHE A 1051 -1.61 3.11 -5.56
CA PHE A 1051 -1.49 1.76 -5.02
C PHE A 1051 -1.30 0.73 -6.12
N ILE A 1052 -2.06 0.85 -7.21
CA ILE A 1052 -1.91 -0.12 -8.28
C ILE A 1052 -0.54 0.00 -8.92
N ASP A 1053 -0.04 1.22 -9.08
CA ASP A 1053 1.30 1.41 -9.65
C ASP A 1053 2.36 0.78 -8.77
N ALA A 1054 2.24 0.96 -7.45
CA ALA A 1054 3.20 0.37 -6.54
C ALA A 1054 3.18 -1.15 -6.63
N LEU A 1055 1.99 -1.75 -6.57
CA LEU A 1055 1.91 -3.19 -6.75
C LEU A 1055 2.59 -3.63 -8.03
N LYS A 1056 2.21 -3.03 -9.15
CA LYS A 1056 2.74 -3.42 -10.46
C LYS A 1056 4.26 -3.38 -10.47
N LYS A 1057 4.83 -2.28 -9.99
CA LYS A 1057 6.27 -2.08 -10.15
C LYS A 1057 7.04 -2.96 -9.17
N ALA A 1058 6.49 -3.21 -7.99
CA ALA A 1058 7.09 -4.18 -7.10
C ALA A 1058 7.12 -5.54 -7.76
N ARG A 1059 6.04 -5.90 -8.44
CA ARG A 1059 6.00 -7.17 -9.14
C ARG A 1059 7.08 -7.21 -10.21
N LEU A 1060 7.27 -6.10 -10.91
CA LEU A 1060 8.29 -6.03 -11.94
C LEU A 1060 9.67 -6.29 -11.36
N ILE A 1061 10.01 -5.62 -10.26
CA ILE A 1061 11.31 -5.84 -9.63
C ILE A 1061 11.46 -7.31 -9.23
N ALA A 1062 10.43 -7.88 -8.63
CA ALA A 1062 10.51 -9.27 -8.21
C ALA A 1062 10.73 -10.19 -9.38
N SER A 1063 10.05 -9.93 -10.50
CA SER A 1063 10.19 -10.76 -11.68
C SER A 1063 11.59 -10.62 -12.26
N ASN A 1064 12.15 -9.42 -12.23
CA ASN A 1064 13.53 -9.26 -12.67
C ASN A 1064 14.49 -10.09 -11.85
N VAL A 1065 14.36 -10.02 -10.52
CA VAL A 1065 15.28 -10.80 -9.69
C VAL A 1065 15.09 -12.29 -9.93
N THR A 1066 13.84 -12.72 -10.07
CA THR A 1066 13.54 -14.13 -10.31
C THR A 1066 14.17 -14.60 -11.61
N GLU A 1067 14.08 -13.76 -12.64
CA GLU A 1067 14.70 -14.04 -13.93
C GLU A 1067 16.20 -14.17 -13.78
N THR A 1068 16.82 -13.15 -13.19
CA THR A 1068 18.27 -13.09 -13.11
C THR A 1068 18.85 -14.23 -12.30
N MET A 1069 18.13 -14.70 -11.28
CA MET A 1069 18.70 -15.78 -10.48
C MET A 1069 18.85 -17.05 -11.31
N GLY A 1070 18.08 -17.19 -12.38
CA GLY A 1070 18.19 -18.35 -13.22
C GLY A 1070 17.96 -19.65 -12.47
N ILE A 1071 16.75 -19.81 -11.94
CA ILE A 1071 16.40 -21.00 -11.17
C ILE A 1071 16.07 -22.16 -12.10
N ASN A 1072 16.50 -23.36 -11.73
CA ASN A 1072 16.17 -24.55 -12.51
C ASN A 1072 14.69 -24.86 -12.30
N GLY A 1073 13.90 -24.49 -13.30
CA GLY A 1073 12.46 -24.59 -13.16
C GLY A 1073 11.89 -23.43 -12.40
N SER A 1074 10.97 -23.71 -11.48
CA SER A 1074 10.38 -22.72 -10.59
C SER A 1074 10.31 -23.27 -9.17
N ALA A 1075 11.39 -23.91 -8.74
CA ALA A 1075 11.41 -24.50 -7.41
C ALA A 1075 11.13 -23.46 -6.33
N TYR A 1076 11.57 -22.24 -6.54
CA TYR A 1076 11.34 -21.14 -5.61
C TYR A 1076 11.34 -19.84 -6.39
N ARG A 1077 10.88 -18.77 -5.74
CA ARG A 1077 10.90 -17.48 -6.37
C ARG A 1077 10.78 -16.33 -5.37
N VAL A 1078 11.31 -15.19 -5.74
CA VAL A 1078 11.18 -13.98 -4.94
C VAL A 1078 9.79 -13.39 -5.11
N PHE A 1079 9.22 -12.84 -4.06
CA PHE A 1079 7.95 -12.14 -4.19
C PHE A 1079 7.84 -11.06 -3.13
N PRO A 1080 7.25 -9.92 -3.43
CA PRO A 1080 7.08 -8.86 -2.44
C PRO A 1080 5.77 -8.97 -1.68
N TYR A 1081 5.81 -8.64 -0.40
CA TYR A 1081 4.62 -8.63 0.42
C TYR A 1081 4.38 -7.27 1.06
N SER A 1082 3.21 -6.69 0.85
CA SER A 1082 2.78 -5.50 1.54
C SER A 1082 1.34 -5.67 1.99
N VAL A 1083 0.89 -4.77 2.87
CA VAL A 1083 -0.39 -5.00 3.50
C VAL A 1083 -1.54 -4.82 2.51
N PHE A 1084 -1.45 -3.82 1.64
CA PHE A 1084 -2.56 -3.52 0.73
C PHE A 1084 -2.58 -4.37 -0.53
N TYR A 1085 -1.67 -5.33 -0.67
CA TYR A 1085 -1.63 -6.08 -1.92
C TYR A 1085 -2.90 -6.89 -2.12
N VAL A 1086 -3.44 -7.47 -1.04
CA VAL A 1086 -4.65 -8.27 -1.18
C VAL A 1086 -5.83 -7.41 -1.58
N PHE A 1087 -5.87 -6.16 -1.12
CA PHE A 1087 -6.99 -5.30 -1.46
C PHE A 1087 -6.85 -4.69 -2.84
N TYR A 1088 -5.64 -4.61 -3.38
CA TYR A 1088 -5.44 -3.96 -4.67
C TYR A 1088 -4.99 -4.92 -5.77
N GLU A 1089 -5.05 -6.23 -5.56
CA GLU A 1089 -4.68 -7.15 -6.62
C GLU A 1089 -5.79 -7.37 -7.64
N GLN A 1090 -7.02 -6.97 -7.33
CA GLN A 1090 -8.14 -7.13 -8.25
C GLN A 1090 -8.06 -6.17 -9.43
N TYR A 1091 -7.40 -5.03 -9.25
CA TYR A 1091 -7.38 -4.06 -10.32
C TYR A 1091 -6.29 -4.37 -11.34
N LEU A 1092 -5.63 -5.51 -11.21
CA LEU A 1092 -4.68 -5.89 -12.24
C LEU A 1092 -5.35 -6.76 -13.28
N THR A 1093 -6.59 -7.18 -13.03
CA THR A 1093 -7.36 -7.93 -14.01
C THR A 1093 -8.81 -7.48 -14.05
N ILE A 1094 -9.11 -6.30 -13.53
CA ILE A 1094 -10.51 -5.90 -13.45
C ILE A 1094 -11.06 -5.60 -14.82
N ILE A 1095 -10.23 -5.10 -15.73
CA ILE A 1095 -10.72 -4.78 -17.07
C ILE A 1095 -11.15 -6.03 -17.80
N ASP A 1096 -10.34 -7.09 -17.74
CA ASP A 1096 -10.75 -8.32 -18.40
C ASP A 1096 -11.87 -8.99 -17.64
N ASP A 1097 -11.95 -8.73 -16.33
CA ASP A 1097 -13.05 -9.20 -15.49
C ASP A 1097 -14.39 -8.57 -15.93
N THR A 1098 -14.38 -7.25 -16.16
CA THR A 1098 -15.54 -6.53 -16.68
C THR A 1098 -15.92 -7.03 -18.06
N ILE A 1099 -14.97 -7.14 -18.97
CA ILE A 1099 -15.29 -7.62 -20.31
C ILE A 1099 -16.00 -8.96 -20.21
N PHE A 1100 -15.39 -9.92 -19.54
CA PHE A 1100 -15.97 -11.26 -19.46
C PHE A 1100 -17.36 -11.20 -18.83
N ASN A 1101 -17.49 -10.52 -17.69
CA ASN A 1101 -18.75 -10.51 -16.96
C ASN A 1101 -19.87 -9.92 -17.80
N LEU A 1102 -19.64 -8.73 -18.36
CA LEU A 1102 -20.68 -8.08 -19.14
C LEU A 1102 -21.05 -8.90 -20.36
N GLY A 1103 -20.06 -9.40 -21.09
CA GLY A 1103 -20.37 -10.18 -22.27
C GLY A 1103 -21.17 -11.43 -21.93
N VAL A 1104 -20.78 -12.12 -20.87
CA VAL A 1104 -21.48 -13.36 -20.53
C VAL A 1104 -22.90 -13.08 -20.07
N SER A 1105 -23.09 -12.05 -19.26
CA SER A 1105 -24.44 -11.73 -18.78
C SER A 1105 -25.33 -11.35 -19.95
N LEU A 1106 -24.81 -10.59 -20.90
CA LEU A 1106 -25.65 -10.17 -22.02
C LEU A 1106 -25.92 -11.31 -22.97
N GLY A 1107 -24.97 -12.22 -23.17
CA GLY A 1107 -25.25 -13.39 -23.98
C GLY A 1107 -26.27 -14.32 -23.34
N ALA A 1108 -26.20 -14.47 -22.02
CA ALA A 1108 -27.21 -15.24 -21.31
C ALA A 1108 -28.60 -14.61 -21.46
N ILE A 1109 -28.68 -13.29 -21.28
CA ILE A 1109 -29.95 -12.60 -21.49
C ILE A 1109 -30.47 -12.86 -22.90
N PHE A 1110 -29.59 -12.72 -23.90
CA PHE A 1110 -29.97 -12.95 -25.28
C PHE A 1110 -30.57 -14.33 -25.45
N LEU A 1111 -29.87 -15.35 -24.99
CA LEU A 1111 -30.34 -16.71 -25.18
C LEU A 1111 -31.68 -16.94 -24.49
N VAL A 1112 -31.79 -16.53 -23.23
CA VAL A 1112 -33.04 -16.75 -22.51
C VAL A 1112 -34.18 -16.07 -23.25
N THR A 1113 -33.95 -14.85 -23.74
CA THR A 1113 -35.00 -14.14 -24.45
C THR A 1113 -35.38 -14.83 -25.75
N MET A 1114 -34.40 -15.13 -26.59
CA MET A 1114 -34.72 -15.74 -27.88
C MET A 1114 -35.35 -17.11 -27.70
N VAL A 1115 -35.23 -17.68 -26.50
CA VAL A 1115 -35.90 -18.96 -26.30
C VAL A 1115 -37.30 -18.74 -25.78
N LEU A 1116 -37.45 -18.00 -24.69
CA LEU A 1116 -38.73 -17.79 -24.04
C LEU A 1116 -39.72 -16.96 -24.85
N LEU A 1117 -39.28 -15.91 -25.54
CA LEU A 1117 -40.19 -15.06 -26.28
C LEU A 1117 -40.67 -15.72 -27.57
N GLY A 1118 -40.40 -17.00 -27.74
CA GLY A 1118 -40.73 -17.74 -28.95
C GLY A 1118 -39.50 -18.21 -29.68
N CYS A 1119 -39.28 -17.77 -30.92
CA CYS A 1119 -37.99 -17.94 -31.56
C CYS A 1119 -37.59 -16.73 -32.39
N GLU A 1120 -38.31 -15.63 -32.23
CA GLU A 1120 -37.98 -14.54 -33.08
C GLU A 1120 -36.61 -14.02 -32.73
N LEU A 1121 -35.73 -14.09 -33.71
CA LEU A 1121 -34.40 -13.52 -33.56
C LEU A 1121 -34.39 -12.02 -33.73
N TRP A 1122 -35.35 -11.47 -34.48
CA TRP A 1122 -35.29 -10.03 -34.71
C TRP A 1122 -35.63 -9.27 -33.44
N SER A 1123 -36.67 -9.70 -32.75
CA SER A 1123 -37.05 -9.07 -31.50
C SER A 1123 -35.95 -9.24 -30.44
N ALA A 1124 -35.38 -10.43 -30.35
CA ALA A 1124 -34.32 -10.68 -29.38
C ALA A 1124 -33.09 -9.84 -29.68
N VAL A 1125 -32.69 -9.75 -30.95
CA VAL A 1125 -31.50 -8.98 -31.27
C VAL A 1125 -31.73 -7.50 -31.06
N ILE A 1126 -32.93 -7.02 -31.37
CA ILE A 1126 -33.23 -5.62 -31.11
C ILE A 1126 -33.18 -5.31 -29.62
N MET A 1127 -33.80 -6.17 -28.81
CA MET A 1127 -33.77 -5.96 -27.37
C MET A 1127 -32.35 -5.99 -26.84
N CYS A 1128 -31.56 -6.97 -27.28
CA CYS A 1128 -30.18 -7.08 -26.83
C CYS A 1128 -29.38 -5.85 -27.21
N ALA A 1129 -29.58 -5.35 -28.43
CA ALA A 1129 -28.87 -4.16 -28.86
C ALA A 1129 -29.27 -2.96 -28.02
N THR A 1130 -30.55 -2.86 -27.66
CA THR A 1130 -30.96 -1.75 -26.81
C THR A 1130 -30.34 -1.84 -25.42
N ILE A 1131 -30.26 -3.05 -24.85
CA ILE A 1131 -29.64 -3.15 -23.54
C ILE A 1131 -28.15 -2.88 -23.61
N ALA A 1132 -27.48 -3.30 -24.70
CA ALA A 1132 -26.07 -2.94 -24.85
C ALA A 1132 -25.89 -1.44 -24.95
N MET A 1133 -26.79 -0.76 -25.66
CA MET A 1133 -26.76 0.70 -25.69
C MET A 1133 -26.90 1.25 -24.27
N VAL A 1134 -27.82 0.69 -23.51
CA VAL A 1134 -28.04 1.14 -22.13
C VAL A 1134 -26.75 1.00 -21.33
N LEU A 1135 -26.04 -0.10 -21.50
CA LEU A 1135 -24.80 -0.30 -20.74
C LEU A 1135 -23.74 0.71 -21.15
N VAL A 1136 -23.58 0.94 -22.44
CA VAL A 1136 -22.58 1.91 -22.88
C VAL A 1136 -22.90 3.29 -22.33
N ASN A 1137 -24.18 3.66 -22.30
CA ASN A 1137 -24.54 4.94 -21.73
C ASN A 1137 -24.32 4.94 -20.22
N MET A 1138 -24.43 3.77 -19.60
CA MET A 1138 -24.07 3.63 -18.20
C MET A 1138 -22.61 3.94 -17.99
N PHE A 1139 -21.75 3.48 -18.88
CA PHE A 1139 -20.33 3.80 -18.77
C PHE A 1139 -20.09 5.28 -18.98
N GLY A 1140 -20.85 5.89 -19.89
CA GLY A 1140 -20.75 7.33 -20.06
C GLY A 1140 -21.11 8.08 -18.79
N VAL A 1141 -22.20 7.67 -18.13
CA VAL A 1141 -22.59 8.31 -16.87
C VAL A 1141 -21.55 8.05 -15.78
N MET A 1142 -20.98 6.85 -15.76
CA MET A 1142 -19.84 6.57 -14.88
C MET A 1142 -18.79 7.65 -15.06
N TRP A 1143 -18.29 7.81 -16.28
CA TRP A 1143 -17.25 8.81 -16.51
C TRP A 1143 -17.72 10.19 -16.10
N LEU A 1144 -19.00 10.50 -16.29
CA LEU A 1144 -19.47 11.87 -16.11
C LEU A 1144 -19.66 12.24 -14.65
N TRP A 1145 -20.09 11.31 -13.78
CA TRP A 1145 -20.21 11.65 -12.36
C TRP A 1145 -19.04 11.21 -11.51
N GLY A 1146 -17.99 10.67 -12.10
CA GLY A 1146 -16.81 10.34 -11.33
C GLY A 1146 -16.96 9.08 -10.53
N ILE A 1147 -17.72 8.11 -11.06
CA ILE A 1147 -17.81 6.78 -10.50
C ILE A 1147 -16.67 5.96 -11.05
N SER A 1148 -16.10 5.09 -10.22
CA SER A 1148 -14.96 4.28 -10.64
C SER A 1148 -15.40 2.87 -10.99
N LEU A 1149 -14.59 2.21 -11.81
CA LEU A 1149 -14.89 0.85 -12.26
C LEU A 1149 -14.29 -0.21 -11.33
N ASN A 1150 -14.82 -0.30 -10.11
CA ASN A 1150 -14.35 -1.35 -9.22
C ASN A 1150 -15.31 -2.53 -9.25
N ALA A 1151 -15.18 -3.48 -8.33
CA ALA A 1151 -16.03 -4.67 -8.35
C ALA A 1151 -17.48 -4.39 -7.91
N VAL A 1152 -17.76 -3.17 -7.48
CA VAL A 1152 -19.10 -2.78 -7.08
C VAL A 1152 -19.74 -2.13 -8.29
N SER A 1153 -18.96 -1.29 -8.96
CA SER A 1153 -19.43 -0.64 -10.17
C SER A 1153 -19.71 -1.76 -11.17
N LEU A 1154 -18.85 -2.78 -11.17
CA LEU A 1154 -19.02 -3.90 -12.07
C LEU A 1154 -20.24 -4.74 -11.72
N VAL A 1155 -20.50 -4.97 -10.43
CA VAL A 1155 -21.70 -5.73 -10.10
C VAL A 1155 -22.95 -4.96 -10.53
N ASN A 1156 -22.97 -3.65 -10.29
CA ASN A 1156 -24.15 -2.87 -10.69
C ASN A 1156 -24.34 -2.83 -12.20
N LEU A 1157 -23.25 -2.83 -12.98
CA LEU A 1157 -23.45 -2.84 -14.42
C LEU A 1157 -23.98 -4.19 -14.89
N VAL A 1158 -23.38 -5.28 -14.42
CA VAL A 1158 -23.92 -6.57 -14.79
C VAL A 1158 -25.36 -6.73 -14.32
N MET A 1159 -25.76 -6.03 -13.28
CA MET A 1159 -27.16 -6.09 -12.87
C MET A 1159 -28.06 -5.25 -13.78
N SER A 1160 -27.59 -4.07 -14.12
CA SER A 1160 -28.39 -3.20 -14.95
C SER A 1160 -28.66 -3.90 -16.25
N CYS A 1161 -27.74 -4.70 -16.76
CA CYS A 1161 -27.96 -5.33 -18.05
C CYS A 1161 -29.12 -6.32 -18.00
N GLY A 1162 -29.53 -6.64 -16.78
CA GLY A 1162 -30.57 -7.59 -16.46
C GLY A 1162 -31.87 -6.92 -16.10
N ILE A 1163 -31.76 -5.66 -15.70
CA ILE A 1163 -32.92 -4.81 -15.38
C ILE A 1163 -33.42 -4.08 -16.63
N SER A 1164 -32.55 -3.92 -17.61
CA SER A 1164 -32.93 -3.27 -18.84
C SER A 1164 -34.01 -4.11 -19.50
N VAL A 1165 -33.87 -5.43 -19.45
CA VAL A 1165 -34.88 -6.29 -20.04
C VAL A 1165 -36.24 -5.92 -19.52
N GLU A 1166 -36.37 -5.65 -18.22
CA GLU A 1166 -37.68 -5.38 -17.66
C GLU A 1166 -38.35 -4.24 -18.42
N PHE A 1167 -37.58 -3.29 -18.93
CA PHE A 1167 -38.16 -2.27 -19.79
C PHE A 1167 -38.32 -2.74 -21.22
N CYS A 1168 -37.21 -3.09 -21.88
CA CYS A 1168 -37.16 -3.42 -23.29
C CYS A 1168 -38.07 -4.57 -23.72
N SER A 1169 -38.60 -5.37 -22.78
CA SER A 1169 -39.34 -6.57 -23.12
C SER A 1169 -40.82 -6.34 -23.41
N HIS A 1170 -41.49 -5.55 -22.58
CA HIS A 1170 -42.92 -5.31 -22.76
C HIS A 1170 -43.20 -4.62 -24.08
N ILE A 1171 -42.53 -3.51 -24.35
CA ILE A 1171 -42.80 -2.76 -25.57
C ILE A 1171 -42.57 -3.65 -26.78
N THR A 1172 -41.43 -4.34 -26.82
CA THR A 1172 -41.11 -5.12 -28.01
C THR A 1172 -42.07 -6.28 -28.20
N ARG A 1173 -42.56 -6.89 -27.13
CA ARG A 1173 -43.54 -7.97 -27.32
C ARG A 1173 -44.90 -7.44 -27.73
N ALA A 1174 -45.33 -6.33 -27.14
CA ALA A 1174 -46.57 -5.71 -27.58
C ALA A 1174 -46.49 -5.35 -29.04
N PHE A 1175 -45.31 -4.97 -29.52
CA PHE A 1175 -45.14 -4.75 -30.95
C PHE A 1175 -45.21 -6.06 -31.73
N THR A 1176 -44.46 -7.06 -31.27
CA THR A 1176 -44.34 -8.30 -32.03
C THR A 1176 -45.69 -8.98 -32.24
N VAL A 1177 -46.43 -9.24 -31.17
CA VAL A 1177 -47.70 -9.94 -31.31
C VAL A 1177 -48.80 -8.94 -31.60
N SER A 1178 -48.94 -8.55 -32.86
CA SER A 1178 -49.99 -7.65 -33.29
C SER A 1178 -50.20 -7.86 -34.78
N MET A 1179 -51.44 -7.75 -35.25
CA MET A 1179 -51.71 -8.05 -36.64
C MET A 1179 -52.30 -6.89 -37.41
N LYS A 1180 -51.96 -5.66 -37.06
CA LYS A 1180 -52.36 -4.51 -37.87
C LYS A 1180 -51.47 -4.38 -39.09
N GLY A 1181 -51.78 -3.40 -39.93
CA GLY A 1181 -51.17 -3.16 -41.21
C GLY A 1181 -49.79 -2.52 -41.24
N SER A 1182 -49.61 -1.28 -40.76
CA SER A 1182 -48.33 -0.65 -40.99
C SER A 1182 -47.46 -0.64 -39.73
N ARG A 1183 -46.17 -0.36 -39.94
CA ARG A 1183 -45.19 -0.35 -38.86
C ARG A 1183 -45.47 0.73 -37.84
N VAL A 1184 -45.91 1.89 -38.31
CA VAL A 1184 -46.18 3.03 -37.44
C VAL A 1184 -47.33 2.68 -36.52
N GLU A 1185 -48.36 2.06 -37.07
CA GLU A 1185 -49.54 1.74 -36.30
C GLU A 1185 -49.27 0.61 -35.32
N ARG A 1186 -48.47 -0.37 -35.71
CA ARG A 1186 -48.08 -1.41 -34.77
C ARG A 1186 -47.32 -0.78 -33.61
N ALA A 1187 -46.44 0.17 -33.92
CA ALA A 1187 -45.67 0.82 -32.88
C ALA A 1187 -46.56 1.59 -31.92
N GLU A 1188 -47.53 2.34 -32.46
CA GLU A 1188 -48.41 3.11 -31.60
C GLU A 1188 -49.34 2.22 -30.77
N GLU A 1189 -49.73 1.07 -31.34
CA GLU A 1189 -50.55 0.06 -30.63
C GLU A 1189 -49.80 -0.58 -29.44
N ALA A 1190 -48.55 -1.00 -29.68
CA ALA A 1190 -47.68 -1.46 -28.60
C ALA A 1190 -47.43 -0.38 -27.56
N LEU A 1191 -47.18 0.85 -28.01
CA LEU A 1191 -46.94 1.93 -27.06
C LEU A 1191 -48.13 2.12 -26.15
N ALA A 1192 -49.29 2.47 -26.71
CA ALA A 1192 -50.47 2.64 -25.88
C ALA A 1192 -50.61 1.48 -24.90
N HIS A 1193 -50.83 0.27 -25.44
CA HIS A 1193 -51.22 -0.87 -24.63
C HIS A 1193 -50.23 -1.12 -23.50
N MET A 1194 -48.97 -1.43 -23.83
CA MET A 1194 -48.03 -1.85 -22.81
C MET A 1194 -47.35 -0.69 -22.08
N GLY A 1195 -46.96 0.36 -22.80
CA GLY A 1195 -46.32 1.48 -22.17
C GLY A 1195 -47.17 2.26 -21.19
N SER A 1196 -48.51 2.15 -21.30
CA SER A 1196 -49.28 2.79 -20.25
C SER A 1196 -49.01 2.13 -18.91
N SER A 1197 -48.76 0.83 -18.89
CA SER A 1197 -48.42 0.08 -17.69
C SER A 1197 -46.94 0.14 -17.35
N VAL A 1198 -46.08 0.29 -18.37
CA VAL A 1198 -44.65 0.35 -18.14
C VAL A 1198 -44.18 1.69 -17.59
N PHE A 1199 -44.85 2.79 -17.92
CA PHE A 1199 -44.37 4.03 -17.33
C PHE A 1199 -44.81 4.17 -15.88
N SER A 1200 -45.99 3.66 -15.57
CA SER A 1200 -46.57 3.75 -14.23
C SER A 1200 -46.07 2.65 -13.32
N GLY A 1201 -45.74 1.50 -13.89
CA GLY A 1201 -45.31 0.34 -13.14
C GLY A 1201 -43.89 0.37 -12.64
N ILE A 1202 -42.91 0.43 -13.55
CA ILE A 1202 -41.50 0.37 -13.14
C ILE A 1202 -40.90 1.72 -12.80
N THR A 1203 -41.16 2.72 -13.65
CA THR A 1203 -40.48 3.99 -13.51
C THR A 1203 -40.76 4.68 -12.19
N LEU A 1204 -42.03 4.95 -11.89
CA LEU A 1204 -42.36 5.71 -10.69
C LEU A 1204 -41.95 4.96 -9.42
N THR A 1205 -42.15 3.64 -9.38
CA THR A 1205 -41.76 2.87 -8.21
C THR A 1205 -40.25 2.96 -7.95
N LYS A 1206 -39.45 2.57 -8.94
CA LYS A 1206 -38.00 2.65 -8.75
C LYS A 1206 -37.55 4.09 -8.46
N PHE A 1207 -38.28 5.08 -8.97
CA PHE A 1207 -37.90 6.47 -8.75
C PHE A 1207 -38.16 6.88 -7.31
N GLY A 1208 -39.32 6.53 -6.78
CA GLY A 1208 -39.56 6.76 -5.36
C GLY A 1208 -38.52 6.09 -4.50
N GLY A 1209 -38.18 4.85 -4.83
CA GLY A 1209 -37.13 4.17 -4.07
C GLY A 1209 -35.79 4.86 -4.06
N ILE A 1210 -35.32 5.27 -5.24
CA ILE A 1210 -34.00 5.90 -5.37
C ILE A 1210 -33.97 7.26 -4.69
N VAL A 1211 -35.08 8.00 -4.77
CA VAL A 1211 -35.11 9.34 -4.17
C VAL A 1211 -35.03 9.26 -2.66
N VAL A 1212 -35.51 8.16 -2.06
CA VAL A 1212 -35.33 8.00 -0.62
C VAL A 1212 -33.88 7.62 -0.30
N LEU A 1213 -33.25 6.84 -1.17
CA LEU A 1213 -31.88 6.41 -0.89
C LEU A 1213 -30.87 7.52 -1.15
N ALA A 1214 -31.26 8.57 -1.88
CA ALA A 1214 -30.32 9.63 -2.19
C ALA A 1214 -29.68 10.26 -0.95
N PHE A 1215 -30.30 10.09 0.22
CA PHE A 1215 -29.71 10.59 1.46
C PHE A 1215 -29.02 9.49 2.26
N ALA A 1216 -27.78 9.18 1.93
CA ALA A 1216 -27.11 8.04 2.53
C ALA A 1216 -26.28 8.49 3.74
N LYS A 1217 -25.57 7.54 4.32
CA LYS A 1217 -24.72 7.75 5.48
C LYS A 1217 -23.39 7.02 5.43
N SER A 1218 -23.22 6.18 4.43
CA SER A 1218 -22.01 5.38 4.34
C SER A 1218 -21.09 5.69 3.18
N GLN A 1219 -21.44 6.70 2.39
CA GLN A 1219 -20.67 7.15 1.20
C GLN A 1219 -20.67 6.21 -0.02
N ILE A 1220 -20.27 4.95 0.16
CA ILE A 1220 -20.25 4.00 -0.94
C ILE A 1220 -21.66 3.84 -1.47
N PHE A 1221 -22.67 3.76 -0.61
CA PHE A 1221 -24.01 3.66 -1.15
C PHE A 1221 -24.36 4.91 -1.94
N GLN A 1222 -24.41 6.05 -1.26
CA GLN A 1222 -24.82 7.33 -1.81
C GLN A 1222 -24.09 7.67 -3.10
N ILE A 1223 -22.95 7.04 -3.33
CA ILE A 1223 -22.19 7.31 -4.54
C ILE A 1223 -22.52 6.28 -5.60
N PHE A 1224 -22.43 4.99 -5.24
CA PHE A 1224 -22.47 4.00 -6.30
C PHE A 1224 -23.88 3.49 -6.49
N TYR A 1225 -24.53 3.03 -5.42
CA TYR A 1225 -25.89 2.59 -5.57
C TYR A 1225 -26.79 3.73 -6.03
N PHE A 1226 -26.77 4.86 -5.34
CA PHE A 1226 -27.64 5.95 -5.75
C PHE A 1226 -27.34 6.41 -7.18
N ARG A 1227 -26.09 6.75 -7.51
CA ARG A 1227 -25.86 7.27 -8.85
C ARG A 1227 -26.16 6.22 -9.92
N MET A 1228 -25.71 4.99 -9.69
CA MET A 1228 -25.92 3.92 -10.65
C MET A 1228 -27.39 3.61 -10.88
N TYR A 1229 -28.18 3.66 -9.81
CA TYR A 1229 -29.59 3.35 -9.88
C TYR A 1229 -30.36 4.48 -10.54
N LEU A 1230 -30.09 5.73 -10.16
CA LEU A 1230 -30.75 6.82 -10.85
C LEU A 1230 -30.45 6.76 -12.34
N ALA A 1231 -29.18 6.58 -12.70
CA ALA A 1231 -28.81 6.46 -14.10
C ALA A 1231 -29.56 5.33 -14.77
N MET A 1232 -29.48 4.13 -14.20
CA MET A 1232 -30.14 2.97 -14.78
C MET A 1232 -31.62 3.26 -15.01
N VAL A 1233 -32.30 3.76 -13.98
CA VAL A 1233 -33.75 3.94 -14.07
C VAL A 1233 -34.08 4.94 -15.17
N LEU A 1234 -33.48 6.13 -15.12
CA LEU A 1234 -33.90 7.15 -16.08
C LEU A 1234 -33.42 6.82 -17.49
N LEU A 1235 -32.27 6.18 -17.60
CA LEU A 1235 -31.77 5.73 -18.90
C LEU A 1235 -32.66 4.66 -19.50
N GLY A 1236 -33.04 3.66 -18.70
CA GLY A 1236 -33.93 2.63 -19.19
C GLY A 1236 -35.30 3.18 -19.55
N ALA A 1237 -35.80 4.11 -18.75
CA ALA A 1237 -37.09 4.71 -19.04
C ALA A 1237 -37.02 5.40 -20.38
N THR A 1238 -36.04 6.30 -20.57
CA THR A 1238 -35.93 6.98 -21.84
C THR A 1238 -35.79 5.99 -22.99
N HIS A 1239 -34.85 5.06 -22.89
CA HIS A 1239 -34.63 4.11 -23.97
C HIS A 1239 -35.90 3.36 -24.30
N GLY A 1240 -36.46 2.64 -23.34
CA GLY A 1240 -37.69 1.92 -23.57
C GLY A 1240 -38.74 2.82 -24.19
N LEU A 1241 -39.24 3.78 -23.43
CA LEU A 1241 -40.45 4.48 -23.86
C LEU A 1241 -40.22 5.42 -25.05
N ILE A 1242 -38.99 5.56 -25.54
CA ILE A 1242 -38.81 6.42 -26.70
C ILE A 1242 -38.02 5.80 -27.84
N PHE A 1243 -36.81 5.33 -27.55
CA PHE A 1243 -35.97 4.79 -28.61
C PHE A 1243 -36.41 3.42 -29.09
N LEU A 1244 -36.98 2.60 -28.22
CA LEU A 1244 -37.61 1.37 -28.69
C LEU A 1244 -38.82 1.59 -29.59
N PRO A 1245 -39.76 2.47 -29.25
CA PRO A 1245 -40.86 2.76 -30.17
C PRO A 1245 -40.37 3.07 -31.57
N VAL A 1246 -39.42 4.00 -31.68
CA VAL A 1246 -38.98 4.51 -32.98
C VAL A 1246 -38.18 3.45 -33.71
N LEU A 1247 -37.26 2.79 -33.01
CA LEU A 1247 -36.46 1.78 -33.67
C LEU A 1247 -37.32 0.66 -34.22
N LEU A 1248 -38.36 0.29 -33.47
CA LEU A 1248 -39.25 -0.75 -33.97
C LEU A 1248 -40.06 -0.25 -35.16
N SER A 1249 -40.64 0.95 -35.04
CA SER A 1249 -41.31 1.57 -36.17
C SER A 1249 -40.45 1.50 -37.43
N TYR A 1250 -39.15 1.71 -37.28
CA TYR A 1250 -38.29 1.76 -38.47
C TYR A 1250 -37.96 0.37 -39.00
N ILE A 1251 -37.43 -0.51 -38.14
CA ILE A 1251 -36.83 -1.76 -38.58
C ILE A 1251 -37.39 -2.97 -37.86
N GLY A 1252 -38.65 -2.96 -37.45
CA GLY A 1252 -39.22 -4.04 -36.68
C GLY A 1252 -39.62 -5.23 -37.52
N PRO A 1253 -39.73 -6.40 -36.89
CA PRO A 1253 -40.07 -7.62 -37.64
C PRO A 1253 -41.52 -7.61 -38.08
N SER A 1254 -41.76 -7.82 -39.37
CA SER A 1254 -43.10 -7.83 -39.93
C SER A 1254 -43.79 -9.14 -39.55
N VAL A 1255 -45.10 -9.19 -39.75
CA VAL A 1255 -45.89 -10.39 -39.50
C VAL A 1255 -47.36 -10.09 -39.76
#